data_2FBE
#
_entry.id   2FBE
#
_cell.length_a   77.220
_cell.length_b   77.220
_cell.length_c   297.299
_cell.angle_alpha   90.00
_cell.angle_beta   90.00
_cell.angle_gamma   90.00
#
_symmetry.space_group_name_H-M   'P 41 2 2'
#
loop_
_entity.id
_entity.type
_entity.pdbx_description
1 polymer 'PREDICTED: similar to ret finger protein-like 1'
2 water water
#
_entity_poly.entity_id   1
_entity_poly.type   'polypeptide(L)'
_entity_poly.pdbx_seq_one_letter_code
;GPLGSPEFQVD(MSE)TFDVDTANNYLIISEDLRSFRSGDLSQNRKEQAERFDTALCVLGTPRFTSGRHYWEVDVGTSQV
WDVGVCKESVNRQGKIELSSEHGFLTVGCREGKVFAASTVP(MSE)TPLWVSPQLHRVGIFLDVG(MSE)RSIAFYNVSD
GCHIYTFIEIPVCEPWRPFFAHKRGSQDDQSILSICSVINPSAASAPVSSEGK
;
_entity_poly.pdbx_strand_id   A,B,C,D
#
# COMPACT_ATOMS: atom_id res chain seq x y z
N GLY A 1 2.17 15.83 -3.44
CA GLY A 1 3.36 15.97 -2.57
C GLY A 1 3.18 17.03 -1.51
N PRO A 2 4.26 17.42 -0.82
CA PRO A 2 4.18 18.44 0.22
C PRO A 2 4.12 19.88 -0.27
N LEU A 3 4.16 20.07 -1.60
CA LEU A 3 4.11 21.42 -2.17
C LEU A 3 2.75 22.10 -1.90
N GLY A 4 2.72 23.00 -0.93
CA GLY A 4 1.49 23.69 -0.57
C GLY A 4 0.90 24.66 -1.59
N SER A 5 1.73 25.24 -2.46
CA SER A 5 1.27 26.19 -3.48
C SER A 5 1.37 25.58 -4.88
N PRO A 6 0.32 24.91 -5.35
CA PRO A 6 0.29 24.27 -6.66
C PRO A 6 0.72 25.10 -7.88
N GLU A 7 0.51 26.42 -7.85
CA GLU A 7 0.88 27.28 -8.98
C GLU A 7 2.32 27.10 -9.45
N PHE A 8 3.18 26.56 -8.60
CA PHE A 8 4.58 26.37 -8.96
C PHE A 8 4.90 25.04 -9.64
N GLN A 9 3.93 24.13 -9.73
CA GLN A 9 4.16 22.84 -10.36
C GLN A 9 4.40 23.03 -11.85
N VAL A 10 5.61 22.71 -12.29
CA VAL A 10 5.97 22.86 -13.69
C VAL A 10 5.84 21.55 -14.46
N ASP A 11 4.64 21.26 -14.94
CA ASP A 11 4.40 20.05 -15.72
C ASP A 11 5.34 20.05 -16.92
N MSE A 12 6.27 19.09 -16.97
CA MSE A 12 7.25 19.01 -18.06
C MSE A 12 7.37 17.62 -18.67
O MSE A 12 6.59 16.71 -18.38
CB MSE A 12 8.62 19.44 -17.57
CG MSE A 12 9.17 18.53 -16.46
SE MSE A 12 11.04 18.79 -16.09
CE MSE A 12 10.87 20.21 -14.80
N THR A 13 8.40 17.48 -19.53
CA THR A 13 8.74 16.23 -20.22
C THR A 13 10.22 16.29 -20.54
N PHE A 14 10.79 15.19 -21.01
CA PHE A 14 12.21 15.13 -21.35
C PHE A 14 12.49 15.67 -22.76
N ASP A 15 13.72 16.15 -22.98
CA ASP A 15 14.13 16.67 -24.28
C ASP A 15 15.00 15.63 -24.98
N VAL A 16 14.41 14.97 -25.97
CA VAL A 16 15.08 13.91 -26.72
C VAL A 16 16.42 14.26 -27.41
N ASP A 17 16.60 15.52 -27.79
CA ASP A 17 17.85 15.93 -28.45
C ASP A 17 19.03 15.84 -27.51
N THR A 18 18.74 15.74 -26.22
CA THR A 18 19.78 15.68 -25.21
C THR A 18 20.14 14.29 -24.71
N ALA A 19 19.16 13.38 -24.75
CA ALA A 19 19.34 12.01 -24.29
C ALA A 19 20.55 11.31 -24.89
N ASN A 20 21.19 10.44 -24.12
CA ASN A 20 22.34 9.68 -24.59
C ASN A 20 21.82 8.46 -25.36
N ASN A 21 22.66 7.91 -26.22
CA ASN A 21 22.30 6.76 -27.04
C ASN A 21 21.72 5.54 -26.30
N TYR A 22 22.26 5.24 -25.12
CA TYR A 22 21.79 4.08 -24.38
C TYR A 22 20.62 4.35 -23.44
N LEU A 23 19.87 5.43 -23.68
CA LEU A 23 18.73 5.76 -22.83
C LEU A 23 17.41 5.65 -23.58
N ILE A 24 16.56 4.72 -23.15
CA ILE A 24 15.26 4.52 -23.78
C ILE A 24 14.20 5.33 -23.06
N ILE A 25 13.50 6.20 -23.79
CA ILE A 25 12.45 7.03 -23.20
C ILE A 25 11.06 6.49 -23.56
N SER A 26 10.09 6.71 -22.68
CA SER A 26 8.74 6.24 -22.92
C SER A 26 8.07 7.06 -24.02
N GLU A 27 6.86 6.67 -24.40
CA GLU A 27 6.14 7.37 -25.46
C GLU A 27 5.59 8.72 -25.01
N ASP A 28 5.23 8.83 -23.73
CA ASP A 28 4.69 10.08 -23.22
C ASP A 28 5.83 11.02 -22.81
N LEU A 29 7.05 10.57 -23.03
CA LEU A 29 8.24 11.35 -22.71
C LEU A 29 8.33 11.77 -21.23
N ARG A 30 7.99 10.86 -20.34
CA ARG A 30 8.04 11.17 -18.92
C ARG A 30 8.56 10.00 -18.09
N SER A 31 9.37 9.16 -18.71
CA SER A 31 9.96 8.02 -18.05
C SER A 31 11.15 7.58 -18.86
N PHE A 32 12.16 7.00 -18.22
CA PHE A 32 13.31 6.52 -18.96
C PHE A 32 14.16 5.55 -18.17
N ARG A 33 15.13 4.95 -18.86
CA ARG A 33 16.02 3.97 -18.24
C ARG A 33 17.15 3.65 -19.20
N SER A 34 18.35 3.41 -18.65
CA SER A 34 19.49 3.09 -19.50
C SER A 34 19.29 1.68 -20.05
N GLY A 35 20.19 1.24 -20.92
CA GLY A 35 20.01 -0.09 -21.48
C GLY A 35 21.11 -0.76 -22.28
N ASP A 36 20.77 -1.94 -22.78
CA ASP A 36 21.65 -2.80 -23.58
C ASP A 36 22.09 -2.16 -24.88
N LEU A 37 21.16 -2.15 -25.83
CA LEU A 37 21.37 -1.63 -27.16
C LEU A 37 21.79 -0.16 -27.20
N SER A 38 22.11 0.31 -28.38
CA SER A 38 22.53 1.68 -28.58
C SER A 38 21.60 2.41 -29.55
N GLN A 39 20.65 3.16 -28.99
CA GLN A 39 19.70 3.92 -29.79
C GLN A 39 20.45 4.93 -30.64
N ASN A 40 20.89 4.54 -31.82
CA ASN A 40 21.61 5.45 -32.70
C ASN A 40 20.73 6.65 -33.01
N ARG A 41 20.94 7.75 -32.30
CA ARG A 41 20.16 8.96 -32.50
C ARG A 41 20.98 10.08 -33.12
N LYS A 42 20.28 11.07 -33.68
CA LYS A 42 20.92 12.21 -34.31
C LYS A 42 22.02 12.80 -33.43
N GLU A 43 23.26 12.41 -33.66
CA GLU A 43 24.38 12.93 -32.89
C GLU A 43 24.37 14.46 -32.97
N GLN A 44 24.53 15.12 -31.84
CA GLN A 44 24.53 16.58 -31.79
C GLN A 44 25.10 17.09 -30.46
N ALA A 45 25.48 18.36 -30.44
CA ALA A 45 26.06 18.99 -29.25
C ALA A 45 25.15 18.92 -28.02
N GLU A 46 23.84 18.99 -28.25
CA GLU A 46 22.88 18.94 -27.15
C GLU A 46 22.74 17.56 -26.56
N ARG A 47 23.41 16.58 -27.16
CA ARG A 47 23.33 15.20 -26.68
C ARG A 47 24.62 14.71 -26.03
N PHE A 48 24.47 14.06 -24.86
CA PHE A 48 25.63 13.51 -24.16
C PHE A 48 26.04 12.27 -24.94
N ASP A 49 27.32 12.17 -25.28
CA ASP A 49 27.77 11.01 -26.02
C ASP A 49 28.23 9.89 -25.10
N THR A 50 28.75 10.24 -23.93
CA THR A 50 29.24 9.23 -23.00
C THR A 50 28.30 8.83 -21.86
N ALA A 51 27.97 9.80 -21.00
CA ALA A 51 27.11 9.57 -19.84
C ALA A 51 25.62 9.37 -20.11
N LEU A 52 24.99 8.56 -19.27
CA LEU A 52 23.56 8.26 -19.38
C LEU A 52 22.75 9.41 -18.78
N CYS A 53 22.56 10.47 -19.54
CA CYS A 53 21.83 11.63 -19.03
C CYS A 53 20.82 12.23 -19.99
N VAL A 54 19.78 12.85 -19.43
CA VAL A 54 18.74 13.50 -20.21
C VAL A 54 18.45 14.84 -19.55
N LEU A 55 17.87 15.77 -20.29
CA LEU A 55 17.52 17.07 -19.72
C LEU A 55 16.04 17.34 -19.85
N GLY A 56 15.44 17.91 -18.81
CA GLY A 56 14.03 18.25 -18.91
C GLY A 56 13.96 19.25 -20.05
N THR A 57 12.80 19.38 -20.70
CA THR A 57 12.70 20.33 -21.80
C THR A 57 12.78 21.81 -21.36
N PRO A 58 12.23 22.13 -20.19
CA PRO A 58 12.26 23.53 -19.71
C PRO A 58 13.61 24.24 -19.76
N ARG A 59 13.54 25.56 -19.61
CA ARG A 59 14.74 26.40 -19.61
C ARG A 59 14.36 27.54 -18.69
N PHE A 60 14.68 27.38 -17.40
CA PHE A 60 14.36 28.37 -16.39
C PHE A 60 15.37 29.50 -16.28
N THR A 61 14.89 30.73 -16.41
CA THR A 61 15.75 31.91 -16.32
C THR A 61 15.29 32.83 -15.21
N SER A 62 14.14 32.51 -14.63
CA SER A 62 13.57 33.31 -13.54
C SER A 62 12.34 32.61 -12.97
N GLY A 63 11.89 33.09 -11.81
CA GLY A 63 10.71 32.52 -11.16
C GLY A 63 10.97 31.34 -10.24
N ARG A 64 9.89 30.84 -9.63
CA ARG A 64 9.96 29.69 -8.73
C ARG A 64 9.39 28.48 -9.45
N HIS A 65 10.11 27.37 -9.46
CA HIS A 65 9.65 26.17 -10.18
C HIS A 65 9.81 24.85 -9.45
N TYR A 66 8.74 24.09 -9.40
CA TYR A 66 8.74 22.81 -8.71
C TYR A 66 8.34 21.61 -9.55
N TRP A 67 9.05 20.50 -9.36
CA TRP A 67 8.74 19.27 -10.06
C TRP A 67 9.19 18.07 -9.25
N GLU A 68 8.55 16.91 -9.46
CA GLU A 68 8.90 15.70 -8.74
C GLU A 68 9.43 14.61 -9.68
N VAL A 69 10.37 13.81 -9.18
CA VAL A 69 10.94 12.74 -9.96
C VAL A 69 10.83 11.48 -9.15
N ASP A 70 10.28 10.43 -9.74
CA ASP A 70 10.19 9.16 -9.03
C ASP A 70 11.36 8.33 -9.50
N VAL A 71 12.19 7.91 -8.55
CA VAL A 71 13.38 7.11 -8.83
C VAL A 71 13.12 5.65 -8.54
N GLY A 72 11.87 5.35 -8.17
CA GLY A 72 11.48 3.98 -7.85
C GLY A 72 12.55 3.18 -7.12
N THR A 73 12.85 2.00 -7.65
CA THR A 73 13.84 1.11 -7.06
C THR A 73 15.24 1.28 -7.62
N SER A 74 15.44 2.30 -8.43
CA SER A 74 16.74 2.56 -9.03
C SER A 74 17.85 2.63 -7.99
N GLN A 75 19.03 2.11 -8.33
CA GLN A 75 20.17 2.09 -7.42
C GLN A 75 21.22 3.15 -7.73
N VAL A 76 21.21 3.66 -8.96
CA VAL A 76 22.14 4.68 -9.37
C VAL A 76 21.46 5.81 -10.11
N TRP A 77 21.49 6.99 -9.54
CA TRP A 77 20.86 8.13 -10.20
C TRP A 77 21.39 9.47 -9.74
N ASP A 78 20.97 10.50 -10.46
CA ASP A 78 21.34 11.87 -10.18
C ASP A 78 20.20 12.75 -10.64
N VAL A 79 19.84 13.73 -9.82
CA VAL A 79 18.76 14.63 -10.16
C VAL A 79 19.10 16.08 -9.81
N GLY A 80 18.45 17.02 -10.47
CA GLY A 80 18.72 18.41 -10.20
C GLY A 80 18.67 19.26 -11.46
N VAL A 81 19.60 20.21 -11.55
CA VAL A 81 19.69 21.09 -12.70
C VAL A 81 21.16 21.27 -13.10
N CYS A 82 21.37 21.64 -14.36
CA CYS A 82 22.70 21.89 -14.86
C CYS A 82 22.55 23.12 -15.75
N LYS A 83 23.65 23.81 -16.00
CA LYS A 83 23.60 25.00 -16.86
C LYS A 83 23.44 24.60 -18.32
N GLU A 84 22.70 25.41 -19.07
CA GLU A 84 22.47 25.17 -20.49
C GLU A 84 23.77 25.19 -21.27
N SER A 85 24.80 25.81 -20.70
CA SER A 85 26.09 25.91 -21.37
C SER A 85 27.12 24.88 -20.92
N VAL A 86 26.67 23.84 -20.21
CA VAL A 86 27.60 22.81 -19.75
C VAL A 86 27.99 21.92 -20.92
N ASN A 87 29.21 21.38 -20.89
CA ASN A 87 29.65 20.51 -21.97
C ASN A 87 29.01 19.14 -21.79
N ARG A 88 28.45 18.60 -22.87
CA ARG A 88 27.77 17.32 -22.82
C ARG A 88 28.58 16.13 -23.33
N GLN A 89 29.79 16.39 -23.82
CA GLN A 89 30.63 15.32 -24.36
C GLN A 89 31.73 14.89 -23.42
N GLY A 90 31.93 13.58 -23.34
CA GLY A 90 32.99 13.06 -22.49
C GLY A 90 32.61 12.79 -21.07
N LYS A 91 33.53 13.09 -20.16
CA LYS A 91 33.32 12.87 -18.74
C LYS A 91 32.50 14.01 -18.15
N ILE A 92 31.38 13.67 -17.52
CA ILE A 92 30.53 14.68 -16.90
C ILE A 92 30.81 14.66 -15.40
N GLU A 93 31.51 15.66 -14.90
CA GLU A 93 31.82 15.74 -13.49
C GLU A 93 30.72 16.49 -12.74
N LEU A 94 29.98 15.76 -11.90
CA LEU A 94 28.90 16.35 -11.12
C LEU A 94 29.42 17.32 -10.07
N SER A 95 29.76 18.53 -10.52
CA SER A 95 30.28 19.55 -9.64
C SER A 95 29.58 20.87 -9.86
N SER A 96 29.17 21.51 -8.77
CA SER A 96 28.49 22.80 -8.87
C SER A 96 29.42 23.81 -9.52
N GLU A 97 30.70 23.51 -9.58
CA GLU A 97 31.65 24.42 -10.21
C GLU A 97 31.80 24.15 -11.71
N HIS A 98 31.11 23.11 -12.18
CA HIS A 98 31.11 22.75 -13.59
C HIS A 98 29.69 23.04 -14.09
N GLY A 99 28.88 23.60 -13.20
CA GLY A 99 27.50 23.91 -13.56
C GLY A 99 26.47 22.86 -13.20
N PHE A 100 26.81 21.91 -12.34
CA PHE A 100 25.87 20.87 -11.93
C PHE A 100 25.44 20.98 -10.47
N LEU A 101 24.14 21.15 -10.27
CA LEU A 101 23.57 21.25 -8.94
C LEU A 101 22.68 20.02 -8.79
N THR A 102 23.28 18.91 -8.43
CA THR A 102 22.52 17.69 -8.31
C THR A 102 22.69 16.92 -7.01
N VAL A 103 21.73 16.04 -6.81
CA VAL A 103 21.68 15.15 -5.68
C VAL A 103 21.71 13.75 -6.31
N GLY A 104 22.60 12.89 -5.82
CA GLY A 104 22.67 11.56 -6.39
C GLY A 104 22.81 10.37 -5.46
N CYS A 105 22.42 9.21 -5.96
CA CYS A 105 22.50 7.95 -5.25
C CYS A 105 23.43 7.00 -6.00
N ARG A 106 24.23 6.26 -5.25
CA ARG A 106 25.14 5.31 -5.88
C ARG A 106 24.93 3.95 -5.23
N GLU A 107 25.64 2.94 -5.74
CA GLU A 107 25.53 1.59 -5.21
C GLU A 107 25.69 1.57 -3.70
N GLY A 108 24.79 0.87 -3.02
CA GLY A 108 24.85 0.79 -1.58
C GLY A 108 23.97 1.85 -0.95
N LYS A 109 23.11 2.45 -1.77
CA LYS A 109 22.22 3.49 -1.29
C LYS A 109 22.99 4.64 -0.64
N VAL A 110 24.10 5.02 -1.24
CA VAL A 110 24.88 6.11 -0.70
C VAL A 110 24.43 7.41 -1.38
N PHE A 111 24.09 8.41 -0.60
CA PHE A 111 23.61 9.65 -1.17
C PHE A 111 24.57 10.79 -1.08
N ALA A 112 24.57 11.57 -2.15
CA ALA A 112 25.45 12.71 -2.20
C ALA A 112 24.95 13.78 -3.13
N ALA A 113 25.28 15.01 -2.74
CA ALA A 113 24.95 16.22 -3.50
C ALA A 113 26.23 16.72 -4.17
N SER A 114 26.08 17.31 -5.34
CA SER A 114 27.23 17.79 -6.08
C SER A 114 27.87 19.12 -5.67
N THR A 115 28.23 19.27 -4.40
CA THR A 115 28.90 20.50 -3.95
C THR A 115 30.39 20.30 -4.18
N VAL A 116 31.20 21.27 -3.80
CA VAL A 116 32.63 21.19 -4.00
C VAL A 116 33.42 21.37 -2.71
N PRO A 117 33.73 20.29 -1.95
CA PRO A 117 33.56 18.84 -2.07
C PRO A 117 32.11 18.37 -1.94
N MSE A 118 31.90 17.11 -2.29
CA MSE A 118 30.57 16.52 -2.22
C MSE A 118 30.05 16.49 -0.79
O MSE A 118 30.78 16.21 0.15
CB MSE A 118 30.61 15.13 -2.83
CG MSE A 118 31.09 15.16 -4.27
SE MSE A 118 30.19 13.90 -5.41
CE MSE A 118 31.52 12.51 -5.43
N THR A 119 28.77 16.80 -0.63
CA THR A 119 28.15 16.78 0.68
C THR A 119 27.42 15.45 0.82
N PRO A 120 27.75 14.68 1.87
CA PRO A 120 27.07 13.40 2.04
C PRO A 120 25.71 13.68 2.65
N LEU A 121 24.72 12.88 2.27
CA LEU A 121 23.37 13.03 2.79
C LEU A 121 22.85 11.75 3.42
N TRP A 122 22.04 11.92 4.46
CA TRP A 122 21.45 10.79 5.13
C TRP A 122 19.97 10.98 4.90
N VAL A 123 19.44 10.17 3.99
CA VAL A 123 18.04 10.22 3.61
C VAL A 123 17.35 8.94 4.04
N SER A 124 16.02 8.95 4.03
CA SER A 124 15.25 7.77 4.40
C SER A 124 15.55 6.57 3.53
N PRO A 125 15.61 5.38 4.14
CA PRO A 125 15.89 4.14 3.41
C PRO A 125 14.75 3.76 2.44
N GLN A 126 13.59 4.37 2.60
CA GLN A 126 12.45 4.08 1.73
C GLN A 126 12.23 5.16 0.67
N LEU A 127 13.18 6.08 0.54
CA LEU A 127 13.07 7.16 -0.43
C LEU A 127 12.92 6.68 -1.87
N HIS A 128 12.00 7.29 -2.63
CA HIS A 128 11.81 6.91 -4.03
C HIS A 128 11.24 8.06 -4.85
N ARG A 129 10.88 9.16 -4.19
CA ARG A 129 10.36 10.31 -4.92
C ARG A 129 10.97 11.61 -4.35
N VAL A 130 11.68 12.31 -5.24
CA VAL A 130 12.36 13.56 -4.90
C VAL A 130 11.64 14.82 -5.38
N GLY A 131 11.40 15.75 -4.45
CA GLY A 131 10.75 17.00 -4.82
C GLY A 131 11.80 18.09 -5.01
N ILE A 132 11.73 18.81 -6.10
CA ILE A 132 12.72 19.83 -6.38
C ILE A 132 12.10 21.20 -6.56
N PHE A 133 12.65 22.19 -5.88
CA PHE A 133 12.14 23.56 -5.96
C PHE A 133 13.22 24.56 -6.37
N LEU A 134 13.22 24.97 -7.63
CA LEU A 134 14.19 25.94 -8.12
C LEU A 134 13.64 27.35 -7.92
N ASP A 135 14.33 28.16 -7.14
CA ASP A 135 13.90 29.53 -6.88
C ASP A 135 14.97 30.50 -7.34
N VAL A 136 14.88 30.90 -8.61
CA VAL A 136 15.85 31.82 -9.19
C VAL A 136 15.95 33.15 -8.44
N GLY A 137 14.83 33.62 -7.91
CA GLY A 137 14.85 34.87 -7.18
C GLY A 137 15.69 34.78 -5.92
N MSE A 138 15.58 33.64 -5.22
CA MSE A 138 16.34 33.41 -4.00
C MSE A 138 17.70 32.77 -4.30
O MSE A 138 18.45 32.46 -3.39
CB MSE A 138 15.56 32.50 -3.07
CG MSE A 138 14.24 33.07 -2.63
SE MSE A 138 14.30 33.89 -0.88
CE MSE A 138 13.48 32.43 0.07
N ARG A 139 17.98 32.58 -5.59
CA ARG A 139 19.23 31.97 -6.02
C ARG A 139 19.51 30.66 -5.28
N SER A 140 18.49 29.82 -5.17
CA SER A 140 18.61 28.54 -4.47
C SER A 140 17.81 27.45 -5.15
N ILE A 141 18.14 26.21 -4.83
CA ILE A 141 17.43 25.06 -5.36
C ILE A 141 17.41 24.04 -4.23
N ALA A 142 16.21 23.62 -3.85
CA ALA A 142 16.06 22.69 -2.75
C ALA A 142 15.52 21.33 -3.17
N PHE A 143 15.90 20.31 -2.41
CA PHE A 143 15.46 18.95 -2.66
C PHE A 143 14.70 18.41 -1.47
N TYR A 144 13.62 17.69 -1.74
CA TYR A 144 12.79 17.15 -0.66
C TYR A 144 12.36 15.72 -0.91
N ASN A 145 12.11 14.99 0.17
CA ASN A 145 11.60 13.62 0.07
C ASN A 145 10.09 13.81 -0.06
N VAL A 146 9.54 13.39 -1.19
CA VAL A 146 8.11 13.57 -1.42
C VAL A 146 7.17 12.75 -0.53
N SER A 147 7.71 11.76 0.16
CA SER A 147 6.87 10.92 1.01
C SER A 147 6.50 11.57 2.33
N ASP A 148 7.24 12.60 2.73
CA ASP A 148 6.96 13.23 4.03
C ASP A 148 7.36 14.68 4.09
N GLY A 149 7.84 15.22 2.96
CA GLY A 149 8.23 16.62 2.93
C GLY A 149 9.53 16.95 3.65
N CYS A 150 10.30 15.93 4.03
CA CYS A 150 11.56 16.16 4.72
C CYS A 150 12.57 16.76 3.76
N HIS A 151 13.29 17.77 4.23
CA HIS A 151 14.28 18.46 3.44
C HIS A 151 15.55 17.62 3.28
N ILE A 152 16.08 17.52 2.07
CA ILE A 152 17.30 16.74 1.82
C ILE A 152 18.55 17.64 1.76
N TYR A 153 18.59 18.57 0.80
CA TYR A 153 19.72 19.49 0.69
C TYR A 153 19.25 20.71 -0.10
N THR A 154 19.86 21.85 0.15
CA THR A 154 19.52 23.07 -0.57
C THR A 154 20.78 23.70 -1.05
N PHE A 155 20.82 24.13 -2.30
CA PHE A 155 22.00 24.83 -2.81
C PHE A 155 21.68 26.33 -2.73
N ILE A 156 22.63 27.12 -2.26
CA ILE A 156 22.39 28.55 -2.13
C ILE A 156 23.36 29.40 -2.92
N GLU A 157 22.99 30.64 -3.19
CA GLU A 157 23.84 31.56 -3.94
C GLU A 157 24.24 30.99 -5.29
N ILE A 158 23.32 30.28 -5.94
CA ILE A 158 23.65 29.70 -7.22
C ILE A 158 23.62 30.81 -8.28
N PRO A 159 24.46 30.67 -9.31
CA PRO A 159 24.53 31.66 -10.39
C PRO A 159 23.27 31.65 -11.24
N VAL A 160 22.81 32.84 -11.61
CA VAL A 160 21.61 32.94 -12.44
C VAL A 160 21.88 33.82 -13.67
N CYS A 161 22.90 33.45 -14.43
CA CYS A 161 23.29 34.19 -15.62
C CYS A 161 22.84 33.49 -16.89
N GLU A 162 22.38 32.25 -16.76
CA GLU A 162 21.91 31.51 -17.91
C GLU A 162 20.86 30.51 -17.48
N PRO A 163 19.99 30.10 -18.41
CA PRO A 163 18.92 29.14 -18.17
C PRO A 163 19.38 27.89 -17.44
N TRP A 164 18.57 27.40 -16.51
CA TRP A 164 18.90 26.18 -15.77
C TRP A 164 18.06 25.08 -16.39
N ARG A 165 18.70 23.99 -16.80
CA ARG A 165 17.99 22.88 -17.42
C ARG A 165 17.83 21.71 -16.45
N PRO A 166 16.60 21.21 -16.25
CA PRO A 166 16.38 20.08 -15.35
C PRO A 166 17.31 18.94 -15.77
N PHE A 167 18.03 18.39 -14.81
CA PHE A 167 18.97 17.30 -15.08
C PHE A 167 18.47 15.94 -14.57
N PHE A 168 18.89 14.87 -15.25
CA PHE A 168 18.49 13.50 -14.89
C PHE A 168 19.56 12.51 -15.33
N ALA A 169 19.73 11.45 -14.55
CA ALA A 169 20.71 10.43 -14.88
C ALA A 169 20.28 9.11 -14.27
N HIS A 170 20.62 8.01 -14.93
CA HIS A 170 20.26 6.69 -14.43
C HIS A 170 21.09 5.61 -15.11
N LYS A 171 21.44 4.59 -14.35
CA LYS A 171 22.20 3.45 -14.84
C LYS A 171 21.59 2.22 -14.18
N ARG A 172 21.31 1.20 -14.97
CA ARG A 172 20.72 -0.03 -14.43
C ARG A 172 21.62 -0.67 -13.39
N GLY A 173 21.03 -1.55 -12.58
CA GLY A 173 21.80 -2.24 -11.58
C GLY A 173 22.23 -3.57 -12.17
N SER A 174 21.36 -4.14 -13.02
CA SER A 174 21.64 -5.43 -13.64
C SER A 174 20.85 -5.58 -14.93
N GLN A 175 21.14 -6.65 -15.67
CA GLN A 175 20.45 -6.94 -16.94
C GLN A 175 18.96 -7.07 -16.74
N ASP A 176 18.56 -7.63 -15.60
CA ASP A 176 17.14 -7.84 -15.30
C ASP A 176 16.46 -6.62 -14.68
N ASP A 177 17.26 -5.76 -14.06
CA ASP A 177 16.79 -4.53 -13.41
C ASP A 177 15.75 -3.78 -14.25
N GLN A 178 14.54 -3.65 -13.70
CA GLN A 178 13.45 -2.94 -14.39
C GLN A 178 13.16 -1.54 -13.84
N SER A 179 14.10 -0.98 -13.07
CA SER A 179 13.90 0.35 -12.51
C SER A 179 13.88 1.48 -13.54
N ILE A 180 13.11 2.52 -13.25
CA ILE A 180 12.99 3.66 -14.14
C ILE A 180 12.80 4.98 -13.41
N LEU A 181 13.14 6.05 -14.09
CA LEU A 181 12.96 7.39 -13.54
C LEU A 181 11.82 7.97 -14.31
N SER A 182 10.82 8.47 -13.61
CA SER A 182 9.71 9.04 -14.33
C SER A 182 9.35 10.37 -13.73
N ILE A 183 9.03 11.32 -14.60
CA ILE A 183 8.64 12.61 -14.09
C ILE A 183 7.21 12.48 -13.69
N CYS A 184 6.88 13.32 -12.73
CA CYS A 184 5.56 13.27 -12.20
C CYS A 184 4.55 14.33 -12.52
N SER A 185 3.67 13.82 -13.32
CA SER A 185 2.28 14.23 -13.53
C SER A 185 1.62 15.58 -13.77
N VAL A 186 0.67 15.78 -12.84
CA VAL A 186 -0.17 16.93 -13.04
C VAL A 186 -1.05 17.50 -11.95
N ILE A 187 -2.15 17.99 -12.50
CA ILE A 187 -3.07 18.81 -11.78
C ILE A 187 -4.51 19.01 -12.23
N ASN A 188 -5.13 19.72 -11.31
CA ASN A 188 -6.47 20.26 -11.27
C ASN A 188 -6.24 21.02 -9.98
N GLY B 1 12.96 19.47 21.52
CA GLY B 1 11.90 20.33 22.13
C GLY B 1 11.06 20.89 21.01
N PRO B 2 10.35 21.99 21.25
CA PRO B 2 9.52 22.56 20.19
C PRO B 2 10.53 22.98 19.22
N LEU B 3 11.71 22.41 19.48
CA LEU B 3 12.89 22.58 18.73
C LEU B 3 13.40 23.92 19.25
N GLY B 4 12.98 24.22 20.49
CA GLY B 4 13.40 25.44 21.15
C GLY B 4 12.45 26.52 21.65
N SER B 5 12.57 27.67 20.99
CA SER B 5 11.85 28.89 21.29
C SER B 5 10.68 29.33 20.38
N PRO B 6 10.81 29.24 19.04
CA PRO B 6 9.77 29.61 18.06
C PRO B 6 8.33 29.55 18.55
N GLU B 7 7.93 30.76 18.93
CA GLU B 7 6.67 31.17 19.56
C GLU B 7 5.56 30.20 19.89
N PHE B 8 5.59 29.79 21.15
CA PHE B 8 4.58 28.92 21.70
C PHE B 8 3.33 29.71 21.88
N GLN B 9 2.21 29.06 21.64
CA GLN B 9 0.96 29.73 21.79
C GLN B 9 0.38 29.31 23.13
N VAL B 10 0.90 29.97 24.17
CA VAL B 10 0.52 29.70 25.56
C VAL B 10 -0.98 29.66 25.85
N ASP B 11 -1.71 30.67 25.41
CA ASP B 11 -3.15 30.72 25.67
C ASP B 11 -4.06 30.65 24.46
N MSE B 12 -3.86 29.65 23.60
CA MSE B 12 -4.71 29.49 22.42
C MSE B 12 -6.06 28.91 22.86
O MSE B 12 -6.12 28.10 23.79
CB MSE B 12 -4.07 28.55 21.40
CG MSE B 12 -4.92 28.33 20.15
SE MSE B 12 -4.22 27.06 18.86
CE MSE B 12 -2.57 27.95 18.44
N THR B 13 -7.13 29.30 22.19
CA THR B 13 -8.45 28.78 22.51
C THR B 13 -9.17 28.50 21.22
N PHE B 14 -10.30 27.82 21.30
CA PHE B 14 -11.07 27.54 20.10
C PHE B 14 -11.97 28.73 19.85
N ASP B 15 -12.05 29.16 18.59
CA ASP B 15 -12.92 30.29 18.24
C ASP B 15 -14.33 29.74 18.28
N VAL B 16 -15.00 29.94 19.40
CA VAL B 16 -16.36 29.46 19.58
C VAL B 16 -17.32 29.85 18.43
N ASP B 17 -17.08 31.00 17.81
CA ASP B 17 -17.96 31.44 16.73
C ASP B 17 -17.77 30.66 15.43
N THR B 18 -16.82 29.74 15.40
CA THR B 18 -16.56 28.94 14.20
C THR B 18 -16.98 27.50 14.42
N ALA B 19 -17.09 27.10 15.69
CA ALA B 19 -17.45 25.73 16.07
C ALA B 19 -18.77 25.18 15.52
N ASN B 20 -18.73 23.96 15.01
CA ASN B 20 -19.93 23.29 14.51
C ASN B 20 -20.83 23.05 15.71
N ASN B 21 -22.08 23.52 15.64
CA ASN B 21 -23.02 23.37 16.75
C ASN B 21 -23.03 22.05 17.50
N TYR B 22 -22.62 20.95 16.86
CA TYR B 22 -22.58 19.66 17.54
C TYR B 22 -21.36 19.53 18.42
N LEU B 23 -20.42 20.48 18.29
CA LEU B 23 -19.20 20.45 19.08
C LEU B 23 -19.42 21.04 20.46
N ILE B 24 -19.06 20.29 21.50
CA ILE B 24 -19.21 20.78 22.86
C ILE B 24 -17.84 21.25 23.33
N ILE B 25 -17.79 22.44 23.91
CA ILE B 25 -16.52 22.98 24.38
C ILE B 25 -16.55 23.27 25.88
N SER B 26 -15.38 23.24 26.50
CA SER B 26 -15.27 23.47 27.94
C SER B 26 -14.96 24.92 28.27
N GLU B 27 -15.60 25.43 29.31
CA GLU B 27 -15.41 26.80 29.79
C GLU B 27 -14.10 27.44 29.38
N ASP B 28 -13.01 26.68 29.47
CA ASP B 28 -11.68 27.19 29.13
C ASP B 28 -11.42 27.29 27.62
N LEU B 29 -12.37 26.84 26.81
CA LEU B 29 -12.26 26.86 25.35
C LEU B 29 -10.97 26.16 24.90
N ARG B 30 -10.57 25.11 25.63
CA ARG B 30 -9.35 24.39 25.25
C ARG B 30 -9.56 22.88 25.05
N SER B 31 -10.81 22.45 25.11
CA SER B 31 -11.16 21.05 24.90
C SER B 31 -12.52 20.97 24.22
N PHE B 32 -12.75 19.93 23.42
CA PHE B 32 -14.04 19.78 22.78
C PHE B 32 -14.29 18.35 22.37
N ARG B 33 -15.55 18.02 22.09
CA ARG B 33 -15.91 16.69 21.67
C ARG B 33 -17.15 16.66 20.78
N SER B 34 -17.28 15.59 20.01
CA SER B 34 -18.40 15.41 19.11
C SER B 34 -19.64 14.95 19.87
N GLY B 35 -20.62 15.83 19.96
CA GLY B 35 -21.85 15.50 20.66
C GLY B 35 -22.97 15.20 19.68
N ASP B 36 -24.22 15.20 20.16
CA ASP B 36 -25.36 14.93 19.28
C ASP B 36 -26.37 16.08 19.37
N LEU B 37 -26.63 16.50 20.61
CA LEU B 37 -27.46 17.66 20.69
C LEU B 37 -26.61 18.76 20.12
N SER B 38 -27.33 19.65 19.49
CA SER B 38 -26.73 20.81 18.77
C SER B 38 -26.93 22.04 19.60
N GLN B 39 -25.86 22.39 20.32
CA GLN B 39 -26.22 23.17 21.52
C GLN B 39 -26.31 24.68 21.52
N ASN B 40 -27.10 25.06 20.55
CA ASN B 40 -27.64 26.35 20.20
C ASN B 40 -26.74 27.54 19.99
N ARG B 41 -25.72 27.26 19.23
CA ARG B 41 -24.89 28.31 18.85
C ARG B 41 -25.46 28.90 17.63
N LYS B 42 -25.28 30.20 17.68
CA LYS B 42 -25.74 31.07 16.71
C LYS B 42 -25.02 30.91 15.41
N GLU B 43 -26.00 30.85 14.60
CA GLU B 43 -26.16 30.89 13.22
C GLU B 43 -25.27 31.99 12.63
N GLN B 44 -23.98 31.70 12.59
CA GLN B 44 -23.01 32.70 12.20
C GLN B 44 -21.97 32.22 11.21
N ALA B 45 -21.99 32.89 10.01
CA ALA B 45 -21.14 32.68 8.79
C ALA B 45 -19.68 32.23 8.97
N GLU B 46 -19.16 32.37 10.18
CA GLU B 46 -17.80 31.93 10.42
C GLU B 46 -17.95 30.53 11.03
N ARG B 47 -19.18 30.03 11.07
CA ARG B 47 -19.43 28.72 11.66
C ARG B 47 -19.74 27.61 10.67
N PHE B 48 -19.03 26.50 10.80
CA PHE B 48 -19.24 25.35 9.93
C PHE B 48 -20.63 24.80 10.20
N ASP B 49 -21.37 24.49 9.14
CA ASP B 49 -22.72 23.98 9.28
C ASP B 49 -22.83 22.46 9.17
N THR B 50 -21.85 21.85 8.49
CA THR B 50 -21.88 20.40 8.30
C THR B 50 -20.74 19.63 8.95
N ALA B 51 -19.50 19.99 8.61
CA ALA B 51 -18.33 19.31 9.14
C ALA B 51 -18.20 19.54 10.64
N LEU B 52 -17.81 18.49 11.35
CA LEU B 52 -17.62 18.56 12.79
C LEU B 52 -16.21 19.07 13.10
N CYS B 53 -16.05 20.39 13.09
CA CYS B 53 -14.76 20.98 13.38
C CYS B 53 -14.88 22.43 13.83
N VAL B 54 -13.75 22.98 14.30
CA VAL B 54 -13.67 24.34 14.81
C VAL B 54 -12.28 24.88 14.53
N LEU B 55 -12.13 26.20 14.58
CA LEU B 55 -10.84 26.84 14.34
C LEU B 55 -10.29 27.45 15.60
N GLY B 56 -8.99 27.76 15.57
CA GLY B 56 -8.35 28.39 16.72
C GLY B 56 -8.53 29.90 16.60
N THR B 57 -8.53 30.58 17.74
CA THR B 57 -8.72 32.03 17.78
C THR B 57 -7.68 32.89 17.05
N PRO B 58 -6.39 32.52 17.11
CA PRO B 58 -5.39 33.33 16.41
C PRO B 58 -5.44 33.27 14.88
N ARG B 59 -5.08 34.40 14.26
CA ARG B 59 -5.03 34.52 12.80
C ARG B 59 -3.57 34.78 12.47
N PHE B 60 -2.84 33.71 12.21
CA PHE B 60 -1.41 33.79 11.92
C PHE B 60 -1.05 34.47 10.61
N THR B 61 -0.23 35.52 10.72
CA THR B 61 0.19 36.29 9.55
C THR B 61 1.70 36.25 9.30
N SER B 62 2.47 35.93 10.32
CA SER B 62 3.92 35.88 10.19
C SER B 62 4.57 35.21 11.39
N GLY B 63 5.88 34.99 11.30
CA GLY B 63 6.61 34.38 12.38
C GLY B 63 6.39 32.89 12.58
N ARG B 64 7.18 32.32 13.49
CA ARG B 64 7.08 30.91 13.81
C ARG B 64 6.07 30.73 14.94
N HIS B 65 5.30 29.66 14.86
CA HIS B 65 4.29 29.37 15.86
C HIS B 65 4.22 27.87 16.13
N TYR B 66 4.09 27.51 17.40
CA TYR B 66 4.01 26.11 17.77
C TYR B 66 2.89 25.85 18.73
N TRP B 67 2.26 24.69 18.58
CA TRP B 67 1.19 24.32 19.47
C TRP B 67 0.98 22.81 19.45
N GLU B 68 0.40 22.31 20.52
CA GLU B 68 0.16 20.89 20.63
C GLU B 68 -1.30 20.50 20.78
N VAL B 69 -1.64 19.37 20.19
CA VAL B 69 -3.01 18.88 20.26
C VAL B 69 -3.03 17.41 20.64
N ASP B 70 -3.83 17.10 21.65
CA ASP B 70 -4.00 15.74 22.12
C ASP B 70 -5.37 15.28 21.66
N VAL B 71 -5.41 14.22 20.85
CA VAL B 71 -6.65 13.70 20.32
C VAL B 71 -7.27 12.61 21.20
N GLY B 72 -6.70 12.43 22.39
CA GLY B 72 -7.21 11.44 23.31
C GLY B 72 -7.49 10.09 22.70
N THR B 73 -8.73 9.65 22.79
CA THR B 73 -9.14 8.35 22.26
C THR B 73 -9.86 8.45 20.93
N SER B 74 -9.84 9.64 20.34
CA SER B 74 -10.50 9.84 19.06
C SER B 74 -10.00 8.84 18.03
N GLN B 75 -10.93 8.19 17.34
CA GLN B 75 -10.56 7.22 16.32
C GLN B 75 -10.53 7.95 14.98
N VAL B 76 -11.17 9.11 14.93
CA VAL B 76 -11.22 9.90 13.72
C VAL B 76 -11.02 11.37 14.04
N TRP B 77 -10.00 11.98 13.43
CA TRP B 77 -9.69 13.38 13.67
C TRP B 77 -8.78 13.95 12.58
N ASP B 78 -8.58 15.26 12.62
CA ASP B 78 -7.71 15.96 11.66
C ASP B 78 -7.32 17.30 12.27
N VAL B 79 -6.02 17.60 12.28
CA VAL B 79 -5.54 18.87 12.81
C VAL B 79 -4.52 19.49 11.86
N GLY B 80 -4.29 20.80 12.04
CA GLY B 80 -3.34 21.52 11.22
C GLY B 80 -3.81 22.96 11.07
N VAL B 81 -3.86 23.45 9.83
CA VAL B 81 -4.30 24.82 9.59
C VAL B 81 -5.11 24.89 8.30
N CYS B 82 -5.84 25.98 8.14
CA CYS B 82 -6.66 26.22 6.97
C CYS B 82 -6.61 27.72 6.66
N LYS B 83 -6.90 28.09 5.42
CA LYS B 83 -6.91 29.49 5.03
C LYS B 83 -8.14 30.17 5.60
N GLU B 84 -7.96 31.36 6.15
CA GLU B 84 -9.08 32.11 6.72
C GLU B 84 -10.28 32.18 5.76
N SER B 85 -10.01 32.17 4.46
CA SER B 85 -11.04 32.27 3.44
C SER B 85 -11.66 30.96 2.97
N VAL B 86 -11.38 29.87 3.65
CA VAL B 86 -11.93 28.58 3.24
C VAL B 86 -13.45 28.58 3.31
N ASN B 87 -14.05 27.59 2.66
CA ASN B 87 -15.50 27.47 2.69
C ASN B 87 -15.85 26.69 3.96
N ARG B 88 -16.61 27.32 4.83
CA ARG B 88 -17.01 26.70 6.08
C ARG B 88 -18.42 26.12 6.00
N GLN B 89 -19.06 26.30 4.84
CA GLN B 89 -20.41 25.80 4.63
C GLN B 89 -20.48 24.49 3.84
N GLY B 90 -21.51 23.70 4.12
CA GLY B 90 -21.69 22.44 3.44
C GLY B 90 -20.65 21.39 3.77
N LYS B 91 -20.60 20.35 2.95
CA LYS B 91 -19.65 19.26 3.15
C LYS B 91 -18.31 19.69 2.56
N ILE B 92 -17.27 19.64 3.37
CA ILE B 92 -15.95 20.04 2.91
C ILE B 92 -14.99 18.86 2.77
N GLU B 93 -13.95 19.06 1.97
CA GLU B 93 -12.93 18.07 1.70
C GLU B 93 -11.55 18.60 2.10
N LEU B 94 -11.01 18.02 3.17
CA LEU B 94 -9.71 18.42 3.67
C LEU B 94 -8.71 18.11 2.58
N SER B 95 -8.32 19.16 1.87
CA SER B 95 -7.38 19.04 0.77
C SER B 95 -6.50 20.28 0.76
N SER B 96 -5.22 20.09 0.42
CA SER B 96 -4.29 21.20 0.36
C SER B 96 -4.79 22.12 -0.74
N GLU B 97 -5.53 21.52 -1.67
CA GLU B 97 -6.07 22.25 -2.81
C GLU B 97 -7.18 23.21 -2.42
N HIS B 98 -7.86 22.94 -1.31
CA HIS B 98 -8.94 23.82 -0.88
C HIS B 98 -8.58 24.62 0.38
N GLY B 99 -7.29 24.68 0.69
CA GLY B 99 -6.83 25.44 1.84
C GLY B 99 -6.64 24.68 3.14
N PHE B 100 -6.59 23.36 3.09
CA PHE B 100 -6.40 22.56 4.30
C PHE B 100 -5.08 21.83 4.35
N LEU B 101 -4.23 22.25 5.29
CA LEU B 101 -2.93 21.63 5.48
C LEU B 101 -3.04 20.90 6.80
N THR B 102 -3.30 19.60 6.73
CA THR B 102 -3.47 18.82 7.94
C THR B 102 -3.02 17.38 7.85
N VAL B 103 -2.94 16.74 9.01
CA VAL B 103 -2.59 15.33 9.12
C VAL B 103 -3.75 14.74 9.89
N GLY B 104 -4.12 13.51 9.56
CA GLY B 104 -5.25 12.93 10.26
C GLY B 104 -5.32 11.42 10.31
N CYS B 105 -6.33 10.94 11.03
CA CYS B 105 -6.56 9.52 11.20
C CYS B 105 -7.94 9.17 10.69
N ARG B 106 -8.04 8.09 9.93
CA ARG B 106 -9.30 7.65 9.37
C ARG B 106 -9.84 6.38 10.02
N GLU B 107 -10.97 5.91 9.50
CA GLU B 107 -11.66 4.72 9.96
C GLU B 107 -10.83 3.67 10.69
N GLY B 108 -10.04 2.89 9.96
CA GLY B 108 -9.24 1.86 10.61
C GLY B 108 -7.83 2.28 10.96
N LYS B 109 -7.70 3.32 11.77
CA LYS B 109 -6.40 3.86 12.16
C LYS B 109 -5.47 4.00 10.95
N VAL B 110 -6.00 4.68 9.94
CA VAL B 110 -5.27 4.97 8.70
C VAL B 110 -4.86 6.43 8.79
N PHE B 111 -3.57 6.70 8.77
CA PHE B 111 -3.12 8.08 8.89
C PHE B 111 -2.66 8.65 7.56
N ALA B 112 -3.01 9.91 7.32
CA ALA B 112 -2.63 10.55 6.07
C ALA B 112 -2.57 12.07 6.18
N ALA B 113 -1.89 12.69 5.22
CA ALA B 113 -1.77 14.14 5.17
C ALA B 113 -2.78 14.61 4.11
N SER B 114 -3.31 15.80 4.28
CA SER B 114 -4.30 16.33 3.35
C SER B 114 -3.78 16.73 1.97
N THR B 115 -2.86 15.95 1.41
CA THR B 115 -2.33 16.24 0.09
C THR B 115 -3.31 15.76 -0.97
N VAL B 116 -3.00 16.04 -2.23
CA VAL B 116 -3.87 15.62 -3.34
C VAL B 116 -3.06 14.90 -4.41
N PRO B 117 -3.19 13.57 -4.49
CA PRO B 117 -4.03 12.73 -3.62
C PRO B 117 -3.47 12.72 -2.19
N MSE B 118 -4.25 12.22 -1.23
CA MSE B 118 -3.79 12.18 0.14
C MSE B 118 -2.69 11.15 0.34
O MSE B 118 -2.83 10.00 -0.08
CB MSE B 118 -4.96 11.93 1.11
CG MSE B 118 -5.69 10.59 0.95
SE MSE B 118 -7.00 10.32 2.38
CE MSE B 118 -8.57 11.06 1.50
N THR B 119 -1.61 11.57 0.98
CA THR B 119 -0.46 10.71 1.23
C THR B 119 -0.57 9.89 2.51
N PRO B 120 -0.29 8.58 2.43
CA PRO B 120 -0.36 7.69 3.60
C PRO B 120 0.80 8.03 4.54
N LEU B 121 0.53 7.99 5.84
CA LEU B 121 1.57 8.30 6.81
C LEU B 121 1.86 7.13 7.73
N TRP B 122 3.09 6.62 7.64
CA TRP B 122 3.50 5.51 8.49
C TRP B 122 3.91 6.05 9.86
N VAL B 123 2.98 6.02 10.82
CA VAL B 123 3.29 6.50 12.16
C VAL B 123 2.88 5.52 13.25
N SER B 124 3.29 5.79 14.49
CA SER B 124 2.95 4.93 15.60
C SER B 124 1.43 4.82 15.73
N PRO B 125 0.92 3.57 15.82
CA PRO B 125 -0.50 3.32 15.95
C PRO B 125 -1.10 4.02 17.17
N GLN B 126 -0.26 4.27 18.18
CA GLN B 126 -0.70 4.94 19.40
C GLN B 126 -0.44 6.44 19.38
N LEU B 127 -0.41 7.04 18.20
CA LEU B 127 -0.18 8.48 18.09
C LEU B 127 -1.37 9.25 18.65
N HIS B 128 -1.17 10.05 19.70
CA HIS B 128 -2.29 10.82 20.23
C HIS B 128 -1.98 12.27 20.56
N ARG B 129 -0.73 12.69 20.44
CA ARG B 129 -0.43 14.09 20.71
C ARG B 129 0.43 14.63 19.58
N VAL B 130 -0.13 15.56 18.81
CA VAL B 130 0.56 16.16 17.68
C VAL B 130 1.16 17.54 17.93
N GLY B 131 2.40 17.70 17.50
CA GLY B 131 3.09 18.97 17.62
C GLY B 131 3.07 19.59 16.23
N ILE B 132 2.53 20.79 16.13
CA ILE B 132 2.44 21.51 14.87
C ILE B 132 3.32 22.74 14.87
N PHE B 133 4.18 22.89 13.85
CA PHE B 133 5.04 24.06 13.77
C PHE B 133 4.81 24.84 12.48
N LEU B 134 4.26 26.03 12.62
CA LEU B 134 3.99 26.88 11.48
C LEU B 134 5.06 27.95 11.34
N ASP B 135 5.84 27.88 10.27
CA ASP B 135 6.91 28.86 10.04
C ASP B 135 6.54 29.68 8.81
N VAL B 136 5.69 30.68 9.00
CA VAL B 136 5.23 31.55 7.92
C VAL B 136 6.39 32.20 7.19
N GLY B 137 7.48 32.45 7.91
CA GLY B 137 8.65 33.06 7.29
C GLY B 137 9.37 32.10 6.36
N MSE B 138 9.26 30.81 6.65
CA MSE B 138 9.89 29.80 5.82
C MSE B 138 8.84 29.18 4.90
O MSE B 138 9.16 28.32 4.07
CB MSE B 138 10.55 28.73 6.69
CG MSE B 138 11.80 29.22 7.42
SE MSE B 138 13.33 29.45 6.24
CE MSE B 138 12.94 31.21 5.53
N ARG B 139 7.61 29.61 5.07
CA ARG B 139 6.50 29.13 4.24
C ARG B 139 6.26 27.62 4.38
N SER B 140 6.40 27.12 5.60
CA SER B 140 6.20 25.70 5.84
C SER B 140 5.49 25.40 7.15
N ILE B 141 4.98 24.17 7.25
CA ILE B 141 4.30 23.72 8.46
C ILE B 141 4.60 22.24 8.66
N ALA B 142 5.29 21.92 9.76
CA ALA B 142 5.64 20.55 10.05
C ALA B 142 4.88 20.00 11.25
N PHE B 143 4.63 18.70 11.22
CA PHE B 143 3.92 18.01 12.28
C PHE B 143 4.82 16.97 12.96
N TYR B 144 4.57 16.73 14.24
CA TYR B 144 5.36 15.78 15.00
C TYR B 144 4.54 14.93 15.97
N ASN B 145 5.05 13.75 16.28
CA ASN B 145 4.43 12.87 17.25
C ASN B 145 5.20 13.22 18.52
N VAL B 146 4.58 14.01 19.39
CA VAL B 146 5.23 14.44 20.62
C VAL B 146 5.73 13.34 21.54
N SER B 147 5.05 12.20 21.54
CA SER B 147 5.43 11.10 22.42
C SER B 147 6.79 10.53 22.10
N ASP B 148 7.05 10.25 20.83
CA ASP B 148 8.34 9.68 20.44
C ASP B 148 9.22 10.70 19.74
N GLY B 149 8.76 11.94 19.67
CA GLY B 149 9.51 13.02 19.05
C GLY B 149 9.82 12.86 17.57
N CYS B 150 9.15 11.93 16.91
CA CYS B 150 9.38 11.70 15.48
C CYS B 150 8.65 12.69 14.58
N HIS B 151 9.19 12.88 13.39
CA HIS B 151 8.60 13.78 12.42
C HIS B 151 7.51 13.06 11.64
N ILE B 152 6.35 13.70 11.51
CA ILE B 152 5.27 13.07 10.78
C ILE B 152 5.22 13.60 9.35
N TYR B 153 4.97 14.90 9.22
CA TYR B 153 4.86 15.48 7.89
C TYR B 153 5.23 16.96 7.82
N THR B 154 5.56 17.40 6.62
CA THR B 154 5.91 18.79 6.39
C THR B 154 5.42 19.30 5.05
N PHE B 155 4.57 20.32 5.07
CA PHE B 155 4.09 20.93 3.83
C PHE B 155 5.10 22.08 3.58
N ILE B 156 5.53 22.22 2.33
CA ILE B 156 6.51 23.25 2.00
C ILE B 156 5.98 24.26 0.99
N GLU B 157 6.60 25.43 0.95
CA GLU B 157 6.21 26.49 0.03
C GLU B 157 4.70 26.74 0.07
N ILE B 158 4.17 26.84 1.27
CA ILE B 158 2.74 27.05 1.46
C ILE B 158 2.36 28.51 1.21
N PRO B 159 1.15 28.73 0.66
CA PRO B 159 0.71 30.10 0.40
C PRO B 159 0.63 30.90 1.69
N VAL B 160 1.14 32.13 1.63
CA VAL B 160 1.13 32.99 2.80
C VAL B 160 0.64 34.39 2.44
N CYS B 161 -0.35 34.44 1.56
CA CYS B 161 -0.90 35.71 1.14
C CYS B 161 -2.11 36.09 2.01
N GLU B 162 -2.56 35.16 2.84
CA GLU B 162 -3.68 35.41 3.72
C GLU B 162 -3.51 34.69 5.06
N PRO B 163 -4.31 35.07 6.06
CA PRO B 163 -4.27 34.48 7.41
C PRO B 163 -4.43 32.97 7.51
N TRP B 164 -3.61 32.34 8.34
CA TRP B 164 -3.68 30.91 8.58
C TRP B 164 -4.36 30.70 9.92
N ARG B 165 -5.28 29.75 9.99
CA ARG B 165 -5.99 29.47 11.23
C ARG B 165 -5.71 28.03 11.69
N PRO B 166 -5.58 27.83 13.00
CA PRO B 166 -5.34 26.47 13.50
C PRO B 166 -6.63 25.70 13.24
N PHE B 167 -6.54 24.54 12.61
CA PHE B 167 -7.72 23.73 12.28
C PHE B 167 -7.84 22.42 13.04
N PHE B 168 -8.98 22.22 13.71
CA PHE B 168 -9.26 21.00 14.46
C PHE B 168 -10.54 20.35 13.98
N ALA B 169 -10.49 19.04 13.73
CA ALA B 169 -11.65 18.29 13.26
C ALA B 169 -11.78 16.94 13.96
N HIS B 170 -12.98 16.61 14.38
CA HIS B 170 -13.21 15.35 15.06
C HIS B 170 -14.56 14.69 14.79
N LYS B 171 -14.53 13.51 14.19
CA LYS B 171 -15.75 12.75 13.89
C LYS B 171 -16.02 11.79 15.04
N ARG B 172 -17.31 11.58 15.32
CA ARG B 172 -17.70 10.66 16.39
C ARG B 172 -17.61 9.22 15.90
N GLY B 173 -16.95 8.38 16.69
CA GLY B 173 -16.78 6.98 16.31
C GLY B 173 -17.83 6.05 16.90
N SER B 174 -18.75 6.64 17.65
CA SER B 174 -19.82 5.89 18.29
C SER B 174 -21.03 6.79 18.43
N GLN B 175 -22.13 6.24 18.92
CA GLN B 175 -23.39 7.00 19.11
C GLN B 175 -23.46 7.62 20.52
N ASP B 176 -22.36 7.29 21.27
CA ASP B 176 -21.97 7.86 22.59
C ASP B 176 -20.93 8.90 22.14
N ASP B 177 -19.68 8.42 22.03
CA ASP B 177 -18.43 9.10 21.70
C ASP B 177 -18.13 10.21 22.63
N GLN B 178 -17.36 9.63 23.49
CA GLN B 178 -16.71 10.11 24.65
C GLN B 178 -15.40 10.86 24.37
N SER B 179 -14.63 10.55 23.28
CA SER B 179 -13.33 11.20 22.93
C SER B 179 -13.25 12.74 23.07
N ILE B 180 -12.15 13.20 23.67
CA ILE B 180 -11.94 14.62 23.88
C ILE B 180 -10.69 15.08 23.13
N LEU B 181 -10.79 16.25 22.51
CA LEU B 181 -9.67 16.82 21.79
C LEU B 181 -9.29 18.07 22.55
N SER B 182 -8.02 18.22 22.88
CA SER B 182 -7.61 19.42 23.60
C SER B 182 -6.25 20.00 23.23
N ILE B 183 -6.18 21.33 23.30
CA ILE B 183 -4.97 22.09 23.02
C ILE B 183 -4.14 22.01 24.29
N CYS B 184 -2.97 21.40 24.20
CA CYS B 184 -2.12 21.22 25.38
C CYS B 184 -1.04 22.25 25.59
N SER B 185 -0.67 22.43 26.84
CA SER B 185 0.40 23.36 27.21
C SER B 185 1.68 22.54 27.03
N VAL B 186 2.64 23.07 26.29
CA VAL B 186 3.88 22.35 26.09
C VAL B 186 4.53 21.99 27.42
N ILE B 187 4.31 22.81 28.45
CA ILE B 187 4.88 22.57 29.77
C ILE B 187 3.79 22.41 30.83
N ASN B 188 3.70 21.22 31.42
CA ASN B 188 2.72 20.96 32.46
C ASN B 188 2.98 22.01 33.54
N PRO B 189 1.95 22.75 33.94
CA PRO B 189 2.07 23.79 34.97
C PRO B 189 2.56 23.28 36.33
N SER B 190 2.38 21.99 36.57
CA SER B 190 2.80 21.38 37.82
C SER B 190 4.31 21.19 37.87
N ALA B 191 5.00 21.51 36.79
CA ALA B 191 6.45 21.34 36.74
C ALA B 191 7.22 22.53 37.31
N ALA B 192 6.52 23.66 37.51
CA ALA B 192 7.16 24.86 38.03
C ALA B 192 7.43 24.79 39.53
N SER B 193 7.00 23.71 40.17
CA SER B 193 7.21 23.56 41.60
C SER B 193 7.32 22.09 41.99
N ALA B 194 8.10 21.82 43.04
CA ALA B 194 8.31 20.46 43.51
C ALA B 194 7.01 19.80 43.97
N PRO B 195 6.96 18.46 43.91
CA PRO B 195 5.78 17.68 44.31
C PRO B 195 5.50 17.82 45.81
N VAL B 196 4.25 18.08 46.16
CA VAL B 196 3.84 18.22 47.55
C VAL B 196 2.78 17.16 47.88
N SER B 197 2.69 16.75 49.14
CA SER B 197 1.73 15.73 49.54
C SER B 197 0.23 16.07 49.45
N SER B 198 -0.54 15.07 49.05
CA SER B 198 -1.98 15.15 48.91
C SER B 198 -2.47 13.74 48.56
N GLY C 1 3.29 -27.76 13.23
CA GLY C 1 4.78 -27.56 12.87
C GLY C 1 4.94 -28.13 11.51
N PRO C 2 6.07 -28.72 11.06
CA PRO C 2 6.45 -29.37 9.81
C PRO C 2 5.33 -30.34 9.74
N LEU C 3 4.18 -29.64 9.87
CA LEU C 3 2.68 -29.78 9.90
C LEU C 3 2.64 -30.96 9.05
N GLY C 4 3.83 -31.03 8.57
CA GLY C 4 4.38 -31.95 7.68
C GLY C 4 3.84 -33.31 7.71
N SER C 5 2.80 -33.40 6.92
CA SER C 5 2.21 -34.64 6.79
C SER C 5 2.25 -35.08 5.36
N PRO C 6 3.38 -34.86 4.68
CA PRO C 6 3.23 -35.37 3.32
C PRO C 6 4.07 -36.60 3.14
N GLU C 7 5.05 -36.33 2.30
CA GLU C 7 6.07 -37.17 1.79
C GLU C 7 7.09 -36.07 1.53
N PHE C 8 8.23 -36.20 2.20
CA PHE C 8 9.32 -35.25 2.06
C PHE C 8 10.15 -35.61 0.84
N GLN C 9 10.35 -34.65 -0.06
CA GLN C 9 11.13 -34.89 -1.27
C GLN C 9 12.64 -34.92 -1.04
N VAL C 10 13.10 -35.91 -0.28
CA VAL C 10 14.53 -36.06 0.03
C VAL C 10 15.29 -36.58 -1.20
N ASP C 11 14.90 -36.10 -2.37
CA ASP C 11 15.52 -36.55 -3.61
C ASP C 11 15.34 -35.56 -4.76
N MSE C 12 14.45 -34.60 -4.59
CA MSE C 12 14.19 -33.62 -5.65
C MSE C 12 15.46 -33.01 -6.24
O MSE C 12 16.38 -32.60 -5.53
CB MSE C 12 13.27 -32.51 -5.15
CG MSE C 12 12.83 -31.54 -6.27
SE MSE C 12 11.71 -30.05 -5.70
CE MSE C 12 10.16 -31.03 -5.14
N THR C 13 15.51 -32.94 -7.57
CA THR C 13 16.63 -32.36 -8.28
C THR C 13 16.01 -31.43 -9.30
N PHE C 14 16.75 -30.46 -9.78
CA PHE C 14 16.24 -29.54 -10.80
C PHE C 14 16.26 -30.31 -12.14
N ASP C 15 15.30 -30.02 -13.02
CA ASP C 15 15.22 -30.70 -14.31
C ASP C 15 15.98 -29.91 -15.38
N VAL C 16 17.23 -30.30 -15.63
CA VAL C 16 18.07 -29.62 -16.60
C VAL C 16 17.47 -29.45 -18.00
N ASP C 17 16.51 -30.31 -18.35
CA ASP C 17 15.85 -30.24 -19.65
C ASP C 17 15.00 -28.98 -19.72
N THR C 18 14.70 -28.40 -18.55
CA THR C 18 13.87 -27.21 -18.47
C THR C 18 14.64 -25.95 -18.09
N ALA C 19 15.82 -26.13 -17.53
CA ALA C 19 16.61 -24.99 -17.09
C ALA C 19 16.92 -23.98 -18.17
N ASN C 20 16.75 -22.70 -17.84
CA ASN C 20 17.04 -21.62 -18.78
C ASN C 20 18.53 -21.75 -19.03
N ASN C 21 18.97 -21.45 -20.24
CA ASN C 21 20.37 -21.57 -20.57
C ASN C 21 21.32 -20.65 -19.83
N TYR C 22 20.81 -19.76 -19.01
CA TYR C 22 21.70 -18.88 -18.26
C TYR C 22 21.88 -19.33 -16.82
N LEU C 23 21.10 -20.34 -16.42
CA LEU C 23 21.21 -20.86 -15.07
C LEU C 23 22.30 -21.93 -15.04
N ILE C 24 23.12 -21.88 -13.99
CA ILE C 24 24.20 -22.84 -13.82
C ILE C 24 23.83 -23.68 -12.61
N ILE C 25 23.62 -24.97 -12.81
CA ILE C 25 23.26 -25.81 -11.68
C ILE C 25 24.38 -26.73 -11.24
N SER C 26 24.48 -26.91 -9.92
CA SER C 26 25.49 -27.75 -9.29
C SER C 26 25.47 -29.20 -9.80
N GLU C 27 26.48 -29.97 -9.41
CA GLU C 27 26.58 -31.36 -9.84
C GLU C 27 25.47 -32.23 -9.24
N ASP C 28 25.09 -31.96 -7.99
CA ASP C 28 24.04 -32.72 -7.33
C ASP C 28 22.64 -32.34 -7.84
N LEU C 29 22.59 -31.39 -8.76
CA LEU C 29 21.33 -30.93 -9.34
C LEU C 29 20.41 -30.28 -8.29
N ARG C 30 20.96 -29.84 -7.17
CA ARG C 30 20.14 -29.25 -6.12
C ARG C 30 20.39 -27.78 -5.77
N SER C 31 21.06 -27.04 -6.66
CA SER C 31 21.34 -25.62 -6.43
C SER C 31 21.57 -24.93 -7.76
N PHE C 32 21.36 -23.61 -7.82
CA PHE C 32 21.58 -22.89 -9.06
C PHE C 32 21.69 -21.40 -8.90
N ARG C 33 22.50 -20.81 -9.76
CA ARG C 33 22.67 -19.37 -9.77
C ARG C 33 22.44 -18.88 -11.20
N SER C 34 22.16 -17.60 -11.35
CA SER C 34 21.93 -17.05 -12.68
C SER C 34 23.18 -16.35 -13.16
N GLY C 35 23.77 -16.87 -14.23
CA GLY C 35 24.98 -16.31 -14.79
C GLY C 35 24.77 -15.49 -16.05
N ASP C 36 25.83 -14.85 -16.52
CA ASP C 36 25.79 -14.00 -17.71
C ASP C 36 26.14 -14.76 -18.98
N LEU C 37 26.54 -16.02 -18.82
CA LEU C 37 26.92 -16.86 -19.95
C LEU C 37 25.95 -18.00 -20.19
N SER C 38 25.69 -18.25 -21.46
CA SER C 38 24.80 -19.33 -21.86
C SER C 38 25.48 -20.69 -21.72
N GLN C 39 24.72 -21.69 -21.28
CA GLN C 39 25.26 -23.03 -21.13
C GLN C 39 25.01 -23.79 -22.42
N ASN C 40 24.27 -23.15 -23.32
CA ASN C 40 23.94 -23.72 -24.62
C ASN C 40 23.45 -25.17 -24.55
N ARG C 41 22.23 -25.35 -24.06
CA ARG C 41 21.65 -26.68 -23.97
C ARG C 41 20.67 -26.83 -25.13
N LYS C 42 20.30 -28.06 -25.46
CA LYS C 42 19.37 -28.31 -26.57
C LYS C 42 18.12 -27.43 -26.49
N GLU C 43 18.10 -26.36 -27.26
CA GLU C 43 16.96 -25.46 -27.30
C GLU C 43 15.72 -26.28 -27.63
N GLN C 44 15.01 -26.74 -26.60
CA GLN C 44 13.83 -27.54 -26.84
C GLN C 44 12.56 -26.86 -26.38
N ALA C 45 11.49 -27.65 -26.36
CA ALA C 45 10.18 -27.16 -25.97
C ALA C 45 10.00 -27.21 -24.46
N GLU C 46 10.75 -28.08 -23.80
CA GLU C 46 10.66 -28.21 -22.35
C GLU C 46 11.52 -27.19 -21.62
N ARG C 47 12.27 -26.39 -22.37
CA ARG C 47 13.19 -25.42 -21.76
C ARG C 47 12.81 -23.96 -21.89
N PHE C 48 12.79 -23.25 -20.76
CA PHE C 48 12.47 -21.82 -20.75
C PHE C 48 13.53 -21.09 -21.53
N ASP C 49 13.21 -20.71 -22.76
CA ASP C 49 14.16 -20.02 -23.62
C ASP C 49 14.34 -18.55 -23.29
N THR C 50 13.54 -18.02 -22.37
CA THR C 50 13.63 -16.60 -22.02
C THR C 50 13.75 -16.29 -20.53
N ALA C 51 12.74 -16.70 -19.76
CA ALA C 51 12.74 -16.45 -18.33
C ALA C 51 13.87 -17.20 -17.64
N LEU C 52 14.36 -16.65 -16.53
CA LEU C 52 15.44 -17.26 -15.79
C LEU C 52 14.87 -18.19 -14.73
N CYS C 53 14.24 -19.26 -15.18
CA CYS C 53 13.65 -20.22 -14.26
C CYS C 53 13.84 -21.64 -14.71
N VAL C 54 13.79 -22.55 -13.73
CA VAL C 54 13.95 -23.99 -13.94
C VAL C 54 12.88 -24.79 -13.18
N LEU C 55 12.52 -25.96 -13.69
CA LEU C 55 11.52 -26.79 -13.04
C LEU C 55 12.12 -27.94 -12.26
N GLY C 56 11.38 -28.41 -11.26
CA GLY C 56 11.83 -29.54 -10.48
C GLY C 56 11.48 -30.81 -11.24
N THR C 57 12.31 -31.84 -11.09
CA THR C 57 12.09 -33.10 -11.79
C THR C 57 10.72 -33.78 -11.58
N PRO C 58 10.19 -33.78 -10.35
CA PRO C 58 8.90 -34.43 -10.11
C PRO C 58 7.65 -33.82 -10.77
N ARG C 59 6.71 -34.70 -11.07
CA ARG C 59 5.44 -34.33 -11.69
C ARG C 59 4.38 -34.78 -10.69
N PHE C 60 3.82 -33.85 -9.93
CA PHE C 60 2.83 -34.19 -8.92
C PHE C 60 1.41 -34.32 -9.49
N THR C 61 0.78 -35.45 -9.23
CA THR C 61 -0.57 -35.68 -9.74
C THR C 61 -1.54 -36.05 -8.63
N SER C 62 -1.00 -36.37 -7.46
CA SER C 62 -1.85 -36.72 -6.32
C SER C 62 -1.01 -36.73 -5.06
N GLY C 63 -1.66 -36.97 -3.93
CA GLY C 63 -0.96 -37.01 -2.65
C GLY C 63 -0.41 -35.68 -2.16
N ARG C 64 0.16 -35.70 -0.94
CA ARG C 64 0.72 -34.50 -0.34
C ARG C 64 2.24 -34.45 -0.52
N HIS C 65 2.77 -33.27 -0.77
CA HIS C 65 4.20 -33.11 -0.99
C HIS C 65 4.77 -31.85 -0.37
N TYR C 66 5.91 -32.00 0.31
CA TYR C 66 6.57 -30.87 0.95
C TYR C 66 8.02 -30.82 0.57
N TRP C 67 8.55 -29.61 0.42
CA TRP C 67 9.94 -29.42 0.08
C TRP C 67 10.28 -27.99 0.43
N GLU C 68 11.54 -27.74 0.73
CA GLU C 68 11.99 -26.41 1.11
C GLU C 68 13.03 -25.84 0.17
N VAL C 69 13.03 -24.52 0.02
CA VAL C 69 13.97 -23.84 -0.85
C VAL C 69 14.70 -22.74 -0.13
N ASP C 70 16.02 -22.73 -0.25
CA ASP C 70 16.81 -21.68 0.38
C ASP C 70 17.17 -20.73 -0.75
N VAL C 71 16.89 -19.44 -0.56
CA VAL C 71 17.17 -18.46 -1.59
C VAL C 71 18.41 -17.64 -1.37
N GLY C 72 19.12 -17.93 -0.27
CA GLY C 72 20.36 -17.22 0.04
C GLY C 72 20.34 -15.69 0.01
N THR C 73 21.31 -15.10 -0.68
CA THR C 73 21.40 -13.64 -0.76
C THR C 73 20.72 -13.09 -1.99
N SER C 74 19.83 -13.88 -2.59
CA SER C 74 19.11 -13.47 -3.79
C SER C 74 18.20 -12.29 -3.49
N GLN C 75 18.26 -11.29 -4.37
CA GLN C 75 17.43 -10.11 -4.21
C GLN C 75 16.08 -10.39 -4.88
N VAL C 76 16.12 -11.11 -6.00
CA VAL C 76 14.90 -11.43 -6.73
C VAL C 76 14.76 -12.91 -7.01
N TRP C 77 13.58 -13.44 -6.72
CA TRP C 77 13.33 -14.87 -6.92
C TRP C 77 11.84 -15.16 -6.85
N ASP C 78 11.49 -16.41 -7.19
CA ASP C 78 10.11 -16.85 -7.15
C ASP C 78 10.11 -18.36 -7.08
N VAL C 79 9.33 -18.91 -6.16
CA VAL C 79 9.26 -20.35 -6.04
C VAL C 79 7.80 -20.76 -5.93
N GLY C 80 7.50 -21.99 -6.33
CA GLY C 80 6.14 -22.46 -6.25
C GLY C 80 5.94 -23.59 -7.22
N VAL C 81 4.83 -23.55 -7.93
CA VAL C 81 4.53 -24.58 -8.90
C VAL C 81 3.82 -23.95 -10.08
N CYS C 82 3.95 -24.62 -11.22
CA CYS C 82 3.32 -24.19 -12.46
C CYS C 82 2.76 -25.47 -13.07
N LYS C 83 1.77 -25.34 -13.95
CA LYS C 83 1.19 -26.52 -14.56
C LYS C 83 2.20 -27.11 -15.54
N GLU C 84 2.01 -28.39 -15.86
CA GLU C 84 2.89 -29.06 -16.80
C GLU C 84 2.77 -28.41 -18.18
N SER C 85 1.57 -27.95 -18.51
CA SER C 85 1.34 -27.34 -19.82
C SER C 85 1.46 -25.82 -19.93
N VAL C 86 2.22 -25.18 -19.06
CA VAL C 86 2.38 -23.73 -19.16
C VAL C 86 3.26 -23.42 -20.35
N ASN C 87 3.16 -22.17 -20.81
CA ASN C 87 3.95 -21.70 -21.94
C ASN C 87 5.33 -21.36 -21.39
N ARG C 88 6.35 -21.99 -21.94
CA ARG C 88 7.72 -21.78 -21.48
C ARG C 88 8.53 -20.97 -22.47
N GLN C 89 8.09 -20.93 -23.72
CA GLN C 89 8.80 -20.18 -24.74
C GLN C 89 8.38 -18.71 -24.66
N GLY C 90 9.33 -17.81 -24.93
CA GLY C 90 9.02 -16.39 -24.87
C GLY C 90 8.89 -15.97 -23.42
N LYS C 91 8.73 -14.68 -23.17
CA LYS C 91 8.63 -14.26 -21.79
C LYS C 91 7.38 -14.81 -21.15
N ILE C 92 7.50 -15.07 -19.85
CA ILE C 92 6.37 -15.59 -19.15
C ILE C 92 5.78 -14.56 -18.22
N GLU C 93 4.51 -14.80 -17.93
CA GLU C 93 3.69 -13.97 -17.09
C GLU C 93 3.44 -14.79 -15.82
N LEU C 94 4.16 -14.50 -14.74
CA LEU C 94 3.97 -15.25 -13.50
C LEU C 94 2.67 -14.90 -12.79
N SER C 95 1.60 -15.60 -13.13
CA SER C 95 0.31 -15.38 -12.50
C SER C 95 -0.46 -16.70 -12.46
N SER C 96 -1.42 -16.79 -11.55
CA SER C 96 -2.20 -18.01 -11.41
C SER C 96 -3.05 -18.32 -12.63
N GLU C 97 -3.31 -17.31 -13.45
CA GLU C 97 -4.13 -17.50 -14.65
C GLU C 97 -3.37 -18.27 -15.70
N HIS C 98 -2.05 -18.11 -15.70
CA HIS C 98 -1.20 -18.80 -16.66
C HIS C 98 -0.61 -20.06 -16.04
N GLY C 99 -1.13 -20.45 -14.88
CA GLY C 99 -0.66 -21.66 -14.24
C GLY C 99 0.52 -21.50 -13.30
N PHE C 100 0.70 -20.31 -12.76
CA PHE C 100 1.81 -20.11 -11.84
C PHE C 100 1.35 -19.72 -10.46
N LEU C 101 1.43 -20.67 -9.54
CA LEU C 101 1.08 -20.44 -8.15
C LEU C 101 2.43 -20.31 -7.49
N THR C 102 2.83 -19.08 -7.22
CA THR C 102 4.12 -18.87 -6.59
C THR C 102 4.13 -17.68 -5.65
N VAL C 103 5.16 -17.65 -4.81
CA VAL C 103 5.35 -16.57 -3.88
C VAL C 103 6.78 -16.09 -4.20
N GLY C 104 7.05 -14.80 -4.07
CA GLY C 104 8.38 -14.33 -4.40
C GLY C 104 8.77 -12.96 -3.91
N CYS C 105 9.97 -12.55 -4.28
CA CYS C 105 10.48 -11.26 -3.88
C CYS C 105 10.92 -10.48 -5.10
N ARG C 106 10.62 -9.19 -5.08
CA ARG C 106 10.97 -8.33 -6.21
C ARG C 106 11.76 -7.10 -5.79
N GLU C 107 12.15 -6.32 -6.78
CA GLU C 107 12.94 -5.10 -6.58
C GLU C 107 12.29 -4.21 -5.54
N GLY C 108 13.05 -3.92 -4.49
CA GLY C 108 12.52 -3.09 -3.42
C GLY C 108 12.23 -4.01 -2.24
N LYS C 109 12.70 -5.25 -2.36
CA LYS C 109 12.51 -6.25 -1.33
C LYS C 109 11.01 -6.33 -1.07
N VAL C 110 10.24 -6.33 -2.16
CA VAL C 110 8.78 -6.40 -2.10
C VAL C 110 8.40 -7.86 -2.32
N PHE C 111 7.59 -8.41 -1.44
CA PHE C 111 7.22 -9.81 -1.57
C PHE C 111 5.77 -9.97 -2.01
N ALA C 112 5.55 -10.80 -3.02
CA ALA C 112 4.20 -10.98 -3.54
C ALA C 112 3.85 -12.41 -3.94
N ALA C 113 2.56 -12.72 -3.87
CA ALA C 113 2.05 -14.01 -4.28
C ALA C 113 1.63 -13.78 -5.75
N SER C 114 1.70 -14.81 -6.57
CA SER C 114 1.38 -14.70 -8.00
C SER C 114 -0.09 -14.59 -8.40
N THR C 115 -0.90 -13.90 -7.60
CA THR C 115 -2.31 -13.74 -7.93
C THR C 115 -2.54 -12.64 -8.97
N VAL C 116 -3.80 -12.43 -9.33
CA VAL C 116 -4.17 -11.41 -10.31
C VAL C 116 -5.24 -10.47 -9.74
N PRO C 117 -4.84 -9.25 -9.34
CA PRO C 117 -3.52 -8.60 -9.37
C PRO C 117 -2.63 -9.13 -8.25
N MSE C 118 -1.33 -8.90 -8.35
CA MSE C 118 -0.40 -9.38 -7.34
C MSE C 118 -0.74 -8.95 -5.92
O MSE C 118 -0.99 -7.77 -5.65
CB MSE C 118 1.03 -8.96 -7.68
CG MSE C 118 1.32 -7.47 -7.54
SE MSE C 118 3.17 -7.17 -7.06
CE MSE C 118 2.89 -6.28 -5.37
N THR C 119 -0.73 -9.92 -5.01
CA THR C 119 -1.03 -9.67 -3.60
C THR C 119 0.24 -9.38 -2.81
N PRO C 120 0.41 -8.13 -2.34
CA PRO C 120 1.62 -7.82 -1.56
C PRO C 120 1.60 -8.68 -0.31
N LEU C 121 2.77 -9.01 0.22
CA LEU C 121 2.83 -9.87 1.39
C LEU C 121 3.77 -9.32 2.45
N TRP C 122 3.30 -9.33 3.69
CA TRP C 122 4.10 -8.83 4.80
C TRP C 122 4.81 -9.97 5.52
N VAL C 123 6.07 -10.14 5.18
CA VAL C 123 6.91 -11.18 5.75
C VAL C 123 8.22 -10.61 6.28
N SER C 124 8.91 -11.37 7.12
CA SER C 124 10.19 -10.95 7.67
C SER C 124 11.12 -10.61 6.52
N PRO C 125 11.69 -9.41 6.53
CA PRO C 125 12.61 -9.00 5.46
C PRO C 125 13.74 -10.00 5.25
N GLN C 126 14.06 -10.73 6.32
CA GLN C 126 15.13 -11.72 6.29
C GLN C 126 14.61 -13.09 5.91
N LEU C 127 13.61 -13.14 5.03
CA LEU C 127 13.06 -14.42 4.60
C LEU C 127 14.04 -15.06 3.63
N HIS C 128 14.69 -16.15 4.05
CA HIS C 128 15.65 -16.81 3.18
C HIS C 128 15.29 -18.27 2.89
N ARG C 129 14.41 -18.86 3.70
CA ARG C 129 14.02 -20.26 3.49
C ARG C 129 12.51 -20.49 3.41
N VAL C 130 12.04 -20.92 2.24
CA VAL C 130 10.62 -21.13 2.04
C VAL C 130 10.19 -22.58 2.09
N GLY C 131 9.12 -22.84 2.83
CA GLY C 131 8.59 -24.19 2.98
C GLY C 131 7.41 -24.29 2.05
N ILE C 132 7.33 -25.35 1.28
CA ILE C 132 6.25 -25.48 0.32
C ILE C 132 5.43 -26.76 0.46
N PHE C 133 4.17 -26.59 0.81
CA PHE C 133 3.28 -27.73 1.02
C PHE C 133 2.15 -27.82 0.00
N LEU C 134 2.27 -28.79 -0.89
CA LEU C 134 1.28 -29.00 -1.94
C LEU C 134 0.37 -30.15 -1.56
N ASP C 135 -0.92 -29.89 -1.57
CA ASP C 135 -1.86 -30.95 -1.21
C ASP C 135 -2.85 -31.15 -2.34
N VAL C 136 -2.44 -31.94 -3.34
CA VAL C 136 -3.26 -32.23 -4.50
C VAL C 136 -4.65 -32.73 -4.10
N GLY C 137 -4.74 -33.47 -3.00
CA GLY C 137 -6.02 -33.98 -2.55
C GLY C 137 -6.95 -32.85 -2.14
N MSE C 138 -6.44 -31.95 -1.30
CA MSE C 138 -7.21 -30.80 -0.81
C MSE C 138 -7.23 -29.67 -1.85
O MSE C 138 -7.89 -28.66 -1.66
CB MSE C 138 -6.59 -30.32 0.50
CG MSE C 138 -6.58 -31.37 1.59
SE MSE C 138 -8.30 -31.53 2.47
CE MSE C 138 -9.35 -32.29 1.04
N ARG C 139 -6.48 -29.87 -2.94
CA ARG C 139 -6.41 -28.91 -4.01
C ARG C 139 -5.82 -27.56 -3.60
N SER C 140 -4.81 -27.59 -2.74
CA SER C 140 -4.17 -26.35 -2.30
C SER C 140 -2.64 -26.45 -2.21
N ILE C 141 -2.02 -25.30 -2.01
CA ILE C 141 -0.57 -25.19 -1.87
C ILE C 141 -0.27 -24.03 -0.94
N ALA C 142 0.31 -24.34 0.21
CA ALA C 142 0.64 -23.34 1.21
C ALA C 142 2.14 -23.05 1.33
N PHE C 143 2.48 -21.79 1.59
CA PHE C 143 3.87 -21.38 1.73
C PHE C 143 4.18 -20.86 3.14
N TYR C 144 5.31 -21.32 3.68
CA TYR C 144 5.71 -20.92 5.01
C TYR C 144 7.14 -20.42 5.10
N ASN C 145 7.36 -19.46 5.99
CA ASN C 145 8.69 -18.94 6.26
C ASN C 145 9.23 -19.92 7.31
N VAL C 146 10.10 -20.83 6.89
CA VAL C 146 10.67 -21.86 7.76
C VAL C 146 11.41 -21.39 9.01
N SER C 147 12.04 -20.22 8.94
CA SER C 147 12.81 -19.70 10.06
C SER C 147 11.95 -19.38 11.27
N ASP C 148 10.84 -18.68 11.03
CA ASP C 148 9.96 -18.30 12.13
C ASP C 148 8.70 -19.14 12.09
N GLY C 149 8.63 -20.04 11.12
CA GLY C 149 7.47 -20.91 11.00
C GLY C 149 6.16 -20.19 10.73
N CYS C 150 6.23 -18.97 10.19
CA CYS C 150 5.04 -18.20 9.90
C CYS C 150 4.45 -18.49 8.53
N HIS C 151 3.12 -18.48 8.46
CA HIS C 151 2.44 -18.73 7.21
C HIS C 151 2.64 -17.52 6.29
N ILE C 152 2.90 -17.78 5.02
CA ILE C 152 3.10 -16.69 4.07
C ILE C 152 1.88 -16.52 3.19
N TYR C 153 1.47 -17.61 2.54
CA TYR C 153 0.32 -17.58 1.65
C TYR C 153 -0.17 -18.98 1.28
N THR C 154 -1.43 -19.07 0.88
CA THR C 154 -2.03 -20.33 0.47
C THR C 154 -2.99 -20.12 -0.69
N PHE C 155 -2.75 -20.79 -1.81
CA PHE C 155 -3.67 -20.70 -2.95
C PHE C 155 -4.70 -21.80 -2.66
N ILE C 156 -5.92 -21.67 -3.15
CA ILE C 156 -6.95 -22.66 -2.88
C ILE C 156 -7.73 -23.09 -4.10
N GLU C 157 -8.45 -24.20 -3.95
CA GLU C 157 -9.26 -24.77 -5.02
C GLU C 157 -8.52 -24.70 -6.35
N ILE C 158 -7.30 -25.20 -6.35
CA ILE C 158 -6.46 -25.18 -7.54
C ILE C 158 -6.76 -26.29 -8.53
N PRO C 159 -6.49 -26.06 -9.81
CA PRO C 159 -6.76 -27.12 -10.79
C PRO C 159 -5.85 -28.32 -10.54
N VAL C 160 -6.36 -29.52 -10.84
CA VAL C 160 -5.61 -30.74 -10.64
C VAL C 160 -5.85 -31.73 -11.78
N CYS C 161 -6.06 -31.23 -12.98
CA CYS C 161 -6.30 -32.08 -14.14
C CYS C 161 -5.04 -32.40 -14.92
N GLU C 162 -3.94 -31.76 -14.54
CA GLU C 162 -2.68 -32.02 -15.20
C GLU C 162 -1.57 -31.84 -14.18
N PRO C 163 -0.46 -32.57 -14.36
CA PRO C 163 0.70 -32.52 -13.46
C PRO C 163 1.14 -31.14 -13.00
N TRP C 164 1.58 -31.07 -11.75
CA TRP C 164 2.11 -29.85 -11.16
C TRP C 164 3.61 -30.06 -11.08
N ARG C 165 4.39 -29.06 -11.50
CA ARG C 165 5.84 -29.17 -11.44
C ARG C 165 6.39 -28.13 -10.48
N PRO C 166 7.44 -28.49 -9.72
CA PRO C 166 8.04 -27.52 -8.80
C PRO C 166 8.59 -26.39 -9.66
N PHE C 167 8.48 -25.14 -9.20
CA PHE C 167 8.94 -24.00 -10.00
C PHE C 167 9.89 -23.08 -9.26
N PHE C 168 11.01 -22.77 -9.90
CA PHE C 168 12.00 -21.90 -9.29
C PHE C 168 12.44 -20.82 -10.27
N ALA C 169 12.46 -19.58 -9.80
CA ALA C 169 12.86 -18.46 -10.63
C ALA C 169 13.87 -17.63 -9.84
N HIS C 170 14.70 -16.91 -10.55
CA HIS C 170 15.73 -16.09 -9.92
C HIS C 170 16.43 -15.19 -10.91
N LYS C 171 16.07 -13.92 -10.91
CA LYS C 171 16.70 -12.95 -11.80
C LYS C 171 18.04 -12.55 -11.20
N ARG C 172 18.76 -11.69 -11.89
CA ARG C 172 20.06 -11.25 -11.42
C ARG C 172 20.01 -9.93 -10.65
N GLY C 173 20.75 -9.86 -9.55
CA GLY C 173 20.76 -8.66 -8.74
C GLY C 173 21.98 -7.80 -9.02
N SER C 174 22.84 -8.27 -9.92
CA SER C 174 24.05 -7.55 -10.29
C SER C 174 24.85 -8.35 -11.30
N GLN C 175 25.94 -7.77 -11.78
CA GLN C 175 26.81 -8.44 -12.72
C GLN C 175 27.43 -9.66 -12.04
N ASP C 176 27.24 -10.82 -12.65
CA ASP C 176 27.78 -12.04 -12.10
C ASP C 176 27.20 -12.19 -10.69
N ASP C 177 25.97 -12.69 -10.59
CA ASP C 177 25.30 -12.85 -9.29
C ASP C 177 25.81 -14.05 -8.49
N GLN C 178 26.26 -13.77 -7.26
CA GLN C 178 26.79 -14.78 -6.36
C GLN C 178 25.68 -15.64 -5.74
N SER C 179 24.50 -15.05 -5.62
CA SER C 179 23.34 -15.70 -5.03
C SER C 179 23.03 -17.11 -5.50
N ILE C 180 22.83 -18.01 -4.54
CA ILE C 180 22.51 -19.40 -4.82
C ILE C 180 21.11 -19.78 -4.34
N LEU C 181 20.41 -20.55 -5.17
CA LEU C 181 19.06 -21.02 -4.84
C LEU C 181 19.17 -22.55 -4.74
N SER C 182 18.75 -23.11 -3.61
CA SER C 182 18.86 -24.55 -3.45
C SER C 182 17.74 -25.30 -2.72
N ILE C 183 17.57 -26.56 -3.09
CA ILE C 183 16.59 -27.46 -2.52
C ILE C 183 17.19 -28.10 -1.27
N CYS C 184 16.65 -27.77 -0.11
CA CYS C 184 17.18 -28.30 1.15
C CYS C 184 16.41 -29.49 1.69
N SER C 185 17.12 -30.40 2.33
CA SER C 185 16.47 -31.55 2.94
C SER C 185 15.99 -31.03 4.27
N VAL C 186 14.80 -31.44 4.67
CA VAL C 186 14.23 -30.96 5.93
C VAL C 186 15.00 -31.50 7.14
N ILE C 187 15.72 -32.59 6.94
CA ILE C 187 16.52 -33.17 8.02
C ILE C 187 17.97 -33.06 7.61
N ASN C 188 18.80 -32.40 8.43
CA ASN C 188 20.21 -32.29 8.11
C ASN C 188 20.84 -33.68 8.34
N PRO C 189 21.65 -34.14 7.40
CA PRO C 189 22.31 -35.45 7.50
C PRO C 189 23.17 -35.60 8.77
N SER C 190 23.63 -34.48 9.31
CA SER C 190 24.47 -34.55 10.51
C SER C 190 23.64 -34.77 11.79
N ALA C 191 22.32 -34.61 11.68
CA ALA C 191 21.43 -34.81 12.82
C ALA C 191 21.30 -36.26 13.26
N ALA C 192 21.52 -37.19 12.34
CA ALA C 192 21.36 -38.62 12.60
C ALA C 192 22.36 -39.28 13.56
N SER C 193 23.45 -38.60 13.86
CA SER C 193 24.44 -39.16 14.78
C SER C 193 25.01 -38.04 15.63
N ALA C 194 25.42 -38.39 16.85
CA ALA C 194 25.99 -37.41 17.77
C ALA C 194 27.22 -36.73 17.18
N PRO C 195 27.40 -35.44 17.46
CA PRO C 195 28.55 -34.70 16.93
C PRO C 195 29.91 -35.25 17.33
N VAL C 196 30.82 -35.27 16.37
CA VAL C 196 32.14 -35.75 16.67
C VAL C 196 33.13 -34.61 16.54
N SER C 197 34.23 -34.76 17.27
CA SER C 197 35.30 -33.78 17.31
C SER C 197 35.76 -33.29 15.94
N SER C 198 35.59 -34.12 14.92
CA SER C 198 36.00 -33.74 13.58
C SER C 198 34.80 -33.48 12.68
N GLU C 199 35.11 -33.37 11.39
CA GLU C 199 34.10 -33.13 10.36
C GLU C 199 34.58 -33.73 9.05
N GLY D 1 -7.05 -12.70 -5.71
CA GLY D 1 -7.28 -13.51 -4.47
C GLY D 1 -6.61 -14.87 -4.54
N PRO D 2 -6.83 -15.74 -3.54
CA PRO D 2 -6.24 -17.08 -3.47
C PRO D 2 -6.85 -18.15 -4.37
N LEU D 3 -7.94 -17.83 -5.07
CA LEU D 3 -8.56 -18.83 -5.95
C LEU D 3 -7.59 -19.24 -7.04
N GLY D 4 -7.31 -20.55 -7.14
CA GLY D 4 -6.39 -21.03 -8.16
C GLY D 4 -7.07 -21.41 -9.45
N SER D 5 -8.38 -21.59 -9.40
CA SER D 5 -9.17 -21.95 -10.58
C SER D 5 -10.17 -20.84 -10.83
N PRO D 6 -9.79 -19.84 -11.62
CA PRO D 6 -10.61 -18.68 -11.97
C PRO D 6 -11.99 -18.97 -12.55
N GLU D 7 -12.11 -20.07 -13.28
CA GLU D 7 -13.40 -20.43 -13.89
C GLU D 7 -14.56 -20.47 -12.88
N PHE D 8 -14.24 -20.56 -11.60
CA PHE D 8 -15.28 -20.63 -10.56
C PHE D 8 -15.76 -19.27 -10.03
N GLN D 9 -14.97 -18.22 -10.26
CA GLN D 9 -15.30 -16.87 -9.83
C GLN D 9 -16.61 -16.43 -10.41
N VAL D 10 -17.65 -16.41 -9.60
CA VAL D 10 -18.98 -16.00 -10.04
C VAL D 10 -19.13 -14.47 -10.04
N ASP D 11 -19.72 -13.94 -11.09
CA ASP D 11 -19.96 -12.50 -11.16
C ASP D 11 -21.41 -12.28 -10.75
N MSE D 12 -21.62 -11.56 -9.66
CA MSE D 12 -22.98 -11.34 -9.20
C MSE D 12 -23.27 -9.91 -8.81
O MSE D 12 -22.42 -9.03 -8.94
CB MSE D 12 -23.27 -12.25 -7.99
CG MSE D 12 -22.30 -12.11 -6.82
SE MSE D 12 -23.01 -13.03 -5.29
CE MSE D 12 -24.03 -11.56 -4.61
N THR D 13 -24.50 -9.70 -8.37
CA THR D 13 -24.94 -8.39 -7.91
C THR D 13 -25.93 -8.65 -6.80
N PHE D 14 -26.18 -7.62 -6.01
CA PHE D 14 -27.14 -7.74 -4.93
C PHE D 14 -28.53 -7.78 -5.54
N ASP D 15 -29.41 -8.54 -4.93
CA ASP D 15 -30.78 -8.68 -5.40
C ASP D 15 -31.67 -7.63 -4.70
N VAL D 16 -31.94 -6.53 -5.39
CA VAL D 16 -32.72 -5.44 -4.82
C VAL D 16 -34.10 -5.89 -4.31
N ASP D 17 -34.64 -6.96 -4.91
CA ASP D 17 -35.93 -7.47 -4.49
C ASP D 17 -35.90 -7.99 -3.04
N THR D 18 -34.69 -8.24 -2.54
CA THR D 18 -34.53 -8.77 -1.19
C THR D 18 -34.02 -7.75 -0.17
N ALA D 19 -33.42 -6.67 -0.66
CA ALA D 19 -32.83 -5.65 0.20
C ALA D 19 -33.74 -4.95 1.21
N ASN D 20 -33.32 -4.96 2.48
CA ASN D 20 -34.09 -4.30 3.50
C ASN D 20 -34.20 -2.85 3.07
N ASN D 21 -35.33 -2.21 3.38
CA ASN D 21 -35.54 -0.82 2.99
C ASN D 21 -34.55 0.18 3.56
N TYR D 22 -33.75 -0.20 4.56
CA TYR D 22 -32.79 0.76 5.09
C TYR D 22 -31.40 0.53 4.58
N LEU D 23 -31.28 -0.33 3.57
CA LEU D 23 -29.99 -0.59 2.97
C LEU D 23 -29.89 0.30 1.74
N ILE D 24 -28.72 0.90 1.56
CA ILE D 24 -28.46 1.74 0.41
C ILE D 24 -27.56 0.99 -0.57
N ILE D 25 -28.13 0.55 -1.70
CA ILE D 25 -27.33 -0.14 -2.70
C ILE D 25 -26.80 0.86 -3.72
N SER D 26 -25.57 0.66 -4.15
CA SER D 26 -24.95 1.54 -5.12
C SER D 26 -25.55 1.36 -6.52
N GLU D 27 -25.14 2.22 -7.45
CA GLU D 27 -25.60 2.17 -8.83
C GLU D 27 -25.39 0.83 -9.52
N ASP D 28 -24.20 0.26 -9.33
CA ASP D 28 -23.83 -1.03 -9.96
C ASP D 28 -24.37 -2.26 -9.24
N LEU D 29 -25.12 -2.06 -8.16
CA LEU D 29 -25.68 -3.15 -7.38
C LEU D 29 -24.60 -4.08 -6.82
N ARG D 30 -23.40 -3.56 -6.62
CA ARG D 30 -22.31 -4.38 -6.07
C ARG D 30 -21.77 -3.83 -4.73
N SER D 31 -22.51 -2.90 -4.15
CA SER D 31 -22.13 -2.30 -2.88
C SER D 31 -23.35 -1.93 -2.08
N PHE D 32 -23.23 -1.97 -0.77
CA PHE D 32 -24.35 -1.61 0.07
C PHE D 32 -23.88 -1.26 1.47
N ARG D 33 -24.77 -0.63 2.24
CA ARG D 33 -24.49 -0.20 3.59
C ARG D 33 -25.83 0.12 4.23
N SER D 34 -25.88 0.08 5.56
CA SER D 34 -27.12 0.38 6.26
C SER D 34 -27.23 1.89 6.36
N GLY D 35 -28.45 2.37 6.55
CA GLY D 35 -28.67 3.79 6.66
C GLY D 35 -29.82 4.05 7.60
N ASP D 36 -30.34 5.28 7.58
CA ASP D 36 -31.45 5.66 8.45
C ASP D 36 -32.66 6.14 7.68
N LEU D 37 -32.62 6.00 6.35
CA LEU D 37 -33.73 6.44 5.52
C LEU D 37 -34.31 5.31 4.68
N SER D 38 -35.62 5.14 4.72
CA SER D 38 -36.26 4.09 3.93
C SER D 38 -35.95 4.35 2.48
N GLN D 39 -35.73 3.29 1.71
CA GLN D 39 -35.42 3.45 0.31
C GLN D 39 -36.65 3.36 -0.59
N ASN D 40 -37.82 3.35 0.03
CA ASN D 40 -39.07 3.32 -0.69
C ASN D 40 -39.32 2.03 -1.49
N ARG D 41 -38.71 0.93 -1.08
CA ARG D 41 -38.93 -0.32 -1.81
C ARG D 41 -40.26 -0.94 -1.39
N LYS D 42 -40.87 -1.68 -2.30
CA LYS D 42 -42.15 -2.32 -2.06
C LYS D 42 -42.11 -3.49 -1.08
N GLU D 43 -42.85 -3.43 0.01
CA GLU D 43 -42.83 -4.56 0.94
C GLU D 43 -43.33 -5.83 0.27
N GLN D 44 -42.59 -6.93 0.44
CA GLN D 44 -42.96 -8.22 -0.14
C GLN D 44 -42.26 -9.36 0.59
N ALA D 45 -42.75 -10.58 0.37
CA ALA D 45 -42.20 -11.77 1.01
C ALA D 45 -40.70 -12.01 0.82
N GLU D 46 -40.17 -11.62 -0.34
CA GLU D 46 -38.75 -11.83 -0.62
C GLU D 46 -37.83 -10.84 0.08
N ARG D 47 -38.41 -9.79 0.64
CA ARG D 47 -37.61 -8.75 1.27
C ARG D 47 -37.57 -8.84 2.78
N PHE D 48 -36.37 -8.72 3.36
CA PHE D 48 -36.26 -8.76 4.81
C PHE D 48 -36.89 -7.49 5.37
N ASP D 49 -37.99 -7.65 6.11
CA ASP D 49 -38.69 -6.49 6.64
C ASP D 49 -38.03 -5.80 7.81
N THR D 50 -37.24 -6.50 8.58
CA THR D 50 -36.61 -5.89 9.74
C THR D 50 -35.09 -6.00 9.85
N ALA D 51 -34.52 -7.15 9.49
CA ALA D 51 -33.04 -7.31 9.55
C ALA D 51 -32.37 -6.66 8.35
N LEU D 52 -31.26 -5.98 8.60
CA LEU D 52 -30.51 -5.30 7.55
C LEU D 52 -29.78 -6.32 6.66
N CYS D 53 -30.56 -7.05 5.85
CA CYS D 53 -30.01 -8.08 4.98
C CYS D 53 -30.32 -7.94 3.49
N VAL D 54 -29.54 -8.65 2.67
CA VAL D 54 -29.73 -8.67 1.22
C VAL D 54 -29.21 -10.00 0.71
N LEU D 55 -29.77 -10.48 -0.40
CA LEU D 55 -29.28 -11.71 -0.98
C LEU D 55 -28.61 -11.37 -2.30
N GLY D 56 -27.80 -12.29 -2.80
CA GLY D 56 -27.14 -12.09 -4.08
C GLY D 56 -28.06 -12.67 -5.13
N THR D 57 -28.03 -12.15 -6.34
CA THR D 57 -28.92 -12.66 -7.38
C THR D 57 -28.87 -14.17 -7.71
N PRO D 58 -27.71 -14.82 -7.53
CA PRO D 58 -27.59 -16.26 -7.85
C PRO D 58 -28.44 -17.25 -7.06
N ARG D 59 -28.78 -18.34 -7.72
CA ARG D 59 -29.52 -19.44 -7.09
C ARG D 59 -28.66 -20.65 -7.38
N PHE D 60 -27.91 -21.08 -6.37
CA PHE D 60 -27.00 -22.20 -6.53
C PHE D 60 -27.60 -23.57 -6.23
N THR D 61 -27.62 -24.44 -7.23
CA THR D 61 -28.17 -25.78 -7.07
C THR D 61 -27.15 -26.89 -7.36
N SER D 62 -25.98 -26.51 -7.85
CA SER D 62 -24.92 -27.48 -8.14
C SER D 62 -23.66 -26.79 -8.59
N GLY D 63 -22.57 -27.55 -8.67
CA GLY D 63 -21.30 -26.99 -9.10
C GLY D 63 -20.49 -26.35 -7.98
N ARG D 64 -19.45 -25.64 -8.39
CA ARG D 64 -18.54 -24.96 -7.48
C ARG D 64 -18.59 -23.48 -7.83
N HIS D 65 -18.73 -22.64 -6.82
CA HIS D 65 -18.82 -21.20 -7.05
C HIS D 65 -17.99 -20.46 -6.01
N TYR D 66 -17.38 -19.37 -6.43
CA TYR D 66 -16.53 -18.62 -5.53
C TYR D 66 -16.72 -17.13 -5.68
N TRP D 67 -16.76 -16.43 -4.55
CA TRP D 67 -16.90 -14.98 -4.58
C TRP D 67 -16.23 -14.33 -3.38
N GLU D 68 -15.83 -13.08 -3.54
CA GLU D 68 -15.19 -12.33 -2.46
C GLU D 68 -16.08 -11.16 -2.04
N VAL D 69 -16.11 -10.86 -0.75
CA VAL D 69 -16.91 -9.75 -0.24
C VAL D 69 -15.96 -8.89 0.54
N ASP D 70 -15.79 -7.63 0.15
CA ASP D 70 -14.91 -6.78 0.92
C ASP D 70 -15.77 -6.13 2.00
N VAL D 71 -15.36 -6.32 3.25
CA VAL D 71 -16.09 -5.77 4.38
C VAL D 71 -15.47 -4.47 4.88
N GLY D 72 -14.31 -4.10 4.34
CA GLY D 72 -13.66 -2.88 4.76
C GLY D 72 -13.48 -2.73 6.27
N THR D 73 -13.80 -1.54 6.79
CA THR D 73 -13.67 -1.29 8.23
C THR D 73 -14.97 -1.59 8.97
N SER D 74 -15.96 -2.04 8.21
CA SER D 74 -17.27 -2.37 8.76
C SER D 74 -17.07 -3.16 10.05
N GLN D 75 -17.86 -2.84 11.07
CA GLN D 75 -17.72 -3.51 12.36
C GLN D 75 -18.79 -4.52 12.71
N VAL D 76 -19.91 -4.48 11.99
CA VAL D 76 -20.98 -5.44 12.23
C VAL D 76 -21.41 -5.98 10.89
N TRP D 77 -21.16 -7.27 10.66
CA TRP D 77 -21.56 -7.84 9.40
C TRP D 77 -21.67 -9.36 9.41
N ASP D 78 -22.22 -9.87 8.31
CA ASP D 78 -22.44 -11.27 8.14
C ASP D 78 -22.37 -11.60 6.67
N VAL D 79 -21.77 -12.74 6.35
CA VAL D 79 -21.67 -13.16 4.96
C VAL D 79 -21.75 -14.68 4.91
N GLY D 80 -22.24 -15.18 3.78
CA GLY D 80 -22.36 -16.61 3.62
C GLY D 80 -23.52 -16.90 2.70
N VAL D 81 -24.27 -17.93 3.06
CA VAL D 81 -25.43 -18.31 2.27
C VAL D 81 -26.61 -18.64 3.15
N CYS D 82 -27.79 -18.70 2.53
CA CYS D 82 -28.98 -19.05 3.25
C CYS D 82 -29.85 -19.84 2.30
N LYS D 83 -30.70 -20.71 2.84
CA LYS D 83 -31.57 -21.50 1.98
C LYS D 83 -32.53 -20.51 1.34
N GLU D 84 -33.15 -20.90 0.24
CA GLU D 84 -34.06 -20.02 -0.47
C GLU D 84 -35.38 -19.95 0.28
N SER D 85 -35.78 -21.07 0.88
CA SER D 85 -37.03 -21.15 1.61
C SER D 85 -36.99 -20.41 2.94
N VAL D 86 -35.85 -19.81 3.24
CA VAL D 86 -35.67 -19.07 4.48
C VAL D 86 -36.71 -17.98 4.75
N ASN D 87 -37.16 -17.88 5.99
CA ASN D 87 -38.13 -16.86 6.33
C ASN D 87 -37.36 -15.54 6.43
N ARG D 88 -37.86 -14.51 5.75
CA ARG D 88 -37.19 -13.21 5.75
C ARG D 88 -37.93 -12.13 6.55
N GLN D 89 -38.92 -12.55 7.34
CA GLN D 89 -39.69 -11.60 8.14
C GLN D 89 -39.34 -11.75 9.62
N GLY D 90 -39.25 -10.61 10.32
CA GLY D 90 -38.95 -10.65 11.73
C GLY D 90 -37.49 -10.89 12.03
N LYS D 91 -37.18 -11.18 13.29
CA LYS D 91 -35.81 -11.42 13.68
C LYS D 91 -35.26 -12.62 12.92
N ILE D 92 -34.07 -12.46 12.37
CA ILE D 92 -33.42 -13.53 11.62
C ILE D 92 -32.41 -14.23 12.51
N GLU D 93 -32.67 -15.50 12.82
CA GLU D 93 -31.76 -16.28 13.65
C GLU D 93 -30.67 -16.89 12.76
N LEU D 94 -29.43 -16.48 12.96
CA LEU D 94 -28.31 -16.97 12.18
C LEU D 94 -27.80 -18.33 12.66
N SER D 95 -28.49 -19.39 12.25
CA SER D 95 -28.11 -20.72 12.65
C SER D 95 -28.31 -21.71 11.50
N SER D 96 -27.37 -22.64 11.35
CA SER D 96 -27.48 -23.64 10.30
C SER D 96 -28.79 -24.42 10.42
N GLU D 97 -29.34 -24.46 11.62
CA GLU D 97 -30.60 -25.18 11.81
C GLU D 97 -31.72 -24.47 11.05
N HIS D 98 -31.69 -23.14 11.07
CA HIS D 98 -32.69 -22.32 10.38
C HIS D 98 -32.34 -22.10 8.92
N GLY D 99 -31.19 -22.62 8.50
CA GLY D 99 -30.79 -22.49 7.11
C GLY D 99 -29.83 -21.38 6.73
N PHE D 100 -29.03 -20.91 7.69
CA PHE D 100 -28.05 -19.86 7.43
C PHE D 100 -26.66 -20.38 7.71
N LEU D 101 -25.81 -20.34 6.70
CA LEU D 101 -24.43 -20.79 6.85
C LEU D 101 -23.67 -19.50 6.61
N THR D 102 -23.26 -18.90 7.72
CA THR D 102 -22.60 -17.62 7.66
C THR D 102 -21.51 -17.49 8.68
N VAL D 103 -20.70 -16.46 8.47
CA VAL D 103 -19.60 -16.10 9.32
C VAL D 103 -19.88 -14.62 9.55
N GLY D 104 -19.68 -14.13 10.77
CA GLY D 104 -19.94 -12.73 11.04
C GLY D 104 -19.07 -12.08 12.10
N CYS D 105 -19.03 -10.76 12.08
CA CYS D 105 -18.25 -9.98 13.01
C CYS D 105 -19.13 -9.01 13.81
N ARG D 106 -18.89 -8.89 15.11
CA ARG D 106 -19.66 -7.97 15.93
C ARG D 106 -18.76 -7.02 16.72
N GLU D 107 -19.40 -6.12 17.47
CA GLU D 107 -18.76 -5.13 18.32
C GLU D 107 -17.50 -5.67 18.99
N GLY D 108 -16.39 -4.96 18.83
CA GLY D 108 -15.16 -5.40 19.46
C GLY D 108 -14.42 -6.44 18.67
N LYS D 109 -14.80 -6.58 17.41
CA LYS D 109 -14.16 -7.53 16.51
C LYS D 109 -14.19 -8.98 17.00
N VAL D 110 -15.41 -9.48 17.21
CA VAL D 110 -15.61 -10.86 17.66
C VAL D 110 -16.25 -11.56 16.47
N PHE D 111 -15.63 -12.64 16.04
CA PHE D 111 -16.14 -13.39 14.90
C PHE D 111 -16.73 -14.72 15.29
N ALA D 112 -17.67 -15.22 14.50
CA ALA D 112 -18.29 -16.49 14.80
C ALA D 112 -19.04 -17.03 13.60
N ALA D 113 -19.05 -18.36 13.50
CA ALA D 113 -19.75 -19.09 12.44
C ALA D 113 -21.10 -19.54 13.00
N SER D 114 -22.13 -19.54 12.14
CA SER D 114 -23.49 -19.91 12.54
C SER D 114 -23.80 -21.39 12.79
N THR D 115 -22.81 -22.13 13.30
CA THR D 115 -23.05 -23.52 13.64
C THR D 115 -23.97 -23.47 14.85
N VAL D 116 -24.49 -24.62 15.23
CA VAL D 116 -25.41 -24.71 16.35
C VAL D 116 -24.79 -25.56 17.45
N PRO D 117 -24.22 -24.93 18.52
CA PRO D 117 -23.92 -23.55 18.91
C PRO D 117 -22.94 -22.88 17.98
N MSE D 118 -22.85 -21.56 18.07
CA MSE D 118 -21.94 -20.84 17.23
C MSE D 118 -20.51 -21.18 17.59
O MSE D 118 -20.18 -21.41 18.75
CB MSE D 118 -22.18 -19.35 17.38
CG MSE D 118 -23.61 -18.98 17.12
SE MSE D 118 -23.80 -17.11 16.93
CE MSE D 118 -23.82 -16.99 15.00
N THR D 119 -19.66 -21.22 16.57
CA THR D 119 -18.25 -21.52 16.72
C THR D 119 -17.48 -20.21 16.78
N PRO D 120 -16.76 -19.96 17.89
CA PRO D 120 -16.00 -18.72 17.96
C PRO D 120 -14.83 -18.79 16.98
N LEU D 121 -14.41 -17.65 16.46
CA LEU D 121 -13.34 -17.59 15.47
C LEU D 121 -12.26 -16.57 15.77
N TRP D 122 -11.04 -16.92 15.38
CA TRP D 122 -9.91 -16.04 15.55
C TRP D 122 -9.38 -15.79 14.16
N VAL D 123 -9.54 -14.56 13.69
CA VAL D 123 -9.09 -14.18 12.38
C VAL D 123 -8.08 -13.05 12.51
N SER D 124 -7.35 -12.80 11.45
CA SER D 124 -6.37 -11.73 11.46
C SER D 124 -7.01 -10.39 11.80
N PRO D 125 -6.35 -9.62 12.68
CA PRO D 125 -6.85 -8.30 13.07
C PRO D 125 -6.94 -7.39 11.84
N GLN D 126 -6.27 -7.78 10.76
CA GLN D 126 -6.28 -6.96 9.55
C GLN D 126 -7.31 -7.37 8.51
N LEU D 127 -7.99 -8.49 8.74
CA LEU D 127 -8.99 -9.01 7.81
C LEU D 127 -9.99 -7.98 7.33
N HIS D 128 -10.20 -7.93 6.01
CA HIS D 128 -11.16 -7.01 5.45
C HIS D 128 -11.84 -7.55 4.19
N ARG D 129 -11.34 -8.66 3.66
CA ARG D 129 -11.98 -9.26 2.49
C ARG D 129 -12.12 -10.78 2.68
N VAL D 130 -13.36 -11.26 2.66
CA VAL D 130 -13.63 -12.70 2.86
C VAL D 130 -13.91 -13.45 1.55
N GLY D 131 -13.22 -14.57 1.37
CA GLY D 131 -13.43 -15.37 0.18
C GLY D 131 -14.38 -16.51 0.52
N ILE D 132 -15.32 -16.79 -0.39
CA ILE D 132 -16.30 -17.82 -0.12
C ILE D 132 -16.38 -18.86 -1.22
N PHE D 133 -16.19 -20.12 -0.85
CA PHE D 133 -16.25 -21.19 -1.83
C PHE D 133 -17.34 -22.22 -1.55
N LEU D 134 -18.41 -22.17 -2.33
CA LEU D 134 -19.50 -23.12 -2.18
C LEU D 134 -19.28 -24.25 -3.17
N ASP D 135 -19.19 -25.47 -2.63
CA ASP D 135 -19.00 -26.65 -3.45
C ASP D 135 -20.19 -27.57 -3.16
N VAL D 136 -21.19 -27.51 -4.03
CA VAL D 136 -22.40 -28.31 -3.85
C VAL D 136 -22.12 -29.79 -3.95
N GLY D 137 -21.16 -30.17 -4.80
CA GLY D 137 -20.81 -31.58 -4.94
C GLY D 137 -20.18 -32.16 -3.68
N MSE D 138 -19.28 -31.38 -3.07
CA MSE D 138 -18.60 -31.78 -1.83
C MSE D 138 -19.51 -31.44 -0.66
O MSE D 138 -19.13 -31.62 0.49
CB MSE D 138 -17.28 -31.02 -1.65
CG MSE D 138 -16.18 -31.33 -2.67
SE MSE D 138 -15.38 -33.08 -2.45
CE MSE D 138 -15.56 -33.24 -0.53
N ARG D 139 -20.70 -30.93 -0.95
CA ARG D 139 -21.63 -30.56 0.12
C ARG D 139 -20.98 -29.64 1.17
N SER D 140 -20.17 -28.67 0.73
CA SER D 140 -19.51 -27.79 1.67
C SER D 140 -19.37 -26.35 1.21
N ILE D 141 -19.14 -25.45 2.17
CA ILE D 141 -18.91 -24.05 1.89
C ILE D 141 -17.80 -23.59 2.85
N ALA D 142 -16.71 -23.08 2.28
CA ALA D 142 -15.57 -22.63 3.06
C ALA D 142 -15.34 -21.11 2.96
N PHE D 143 -14.80 -20.51 4.02
CA PHE D 143 -14.52 -19.08 4.02
C PHE D 143 -13.03 -18.83 4.10
N TYR D 144 -12.55 -17.79 3.44
CA TYR D 144 -11.13 -17.53 3.50
C TYR D 144 -10.79 -16.05 3.59
N ASN D 145 -9.64 -15.78 4.16
CA ASN D 145 -9.13 -14.42 4.27
C ASN D 145 -8.48 -14.25 2.91
N VAL D 146 -8.91 -13.24 2.16
CA VAL D 146 -8.35 -13.02 0.83
C VAL D 146 -6.91 -12.53 0.82
N SER D 147 -6.46 -11.92 1.92
CA SER D 147 -5.10 -11.42 1.96
C SER D 147 -4.06 -12.52 1.83
N ASP D 148 -4.19 -13.56 2.64
CA ASP D 148 -3.23 -14.65 2.65
C ASP D 148 -3.79 -16.02 2.34
N GLY D 149 -5.06 -16.06 1.96
CA GLY D 149 -5.70 -17.32 1.64
C GLY D 149 -5.88 -18.22 2.85
N CYS D 150 -5.59 -17.68 4.03
CA CYS D 150 -5.76 -18.46 5.24
C CYS D 150 -7.22 -18.85 5.39
N HIS D 151 -7.42 -20.08 5.83
CA HIS D 151 -8.74 -20.66 6.04
C HIS D 151 -9.38 -20.18 7.34
N ILE D 152 -10.65 -19.80 7.26
CA ILE D 152 -11.37 -19.33 8.45
C ILE D 152 -12.26 -20.46 8.96
N TYR D 153 -13.23 -20.85 8.16
CA TYR D 153 -14.12 -21.90 8.61
C TYR D 153 -14.72 -22.63 7.42
N THR D 154 -15.17 -23.86 7.66
CA THR D 154 -15.77 -24.69 6.62
C THR D 154 -17.02 -25.41 7.12
N PHE D 155 -18.18 -25.09 6.56
CA PHE D 155 -19.39 -25.79 6.97
C PHE D 155 -19.36 -27.08 6.15
N ILE D 156 -19.59 -28.20 6.83
CA ILE D 156 -19.52 -29.48 6.16
C ILE D 156 -20.86 -30.21 6.15
N GLU D 157 -21.03 -31.15 5.23
CA GLU D 157 -22.27 -31.93 5.14
C GLU D 157 -23.52 -31.05 5.06
N ILE D 158 -23.53 -30.10 4.13
CA ILE D 158 -24.65 -29.20 4.02
C ILE D 158 -25.80 -29.71 3.16
N PRO D 159 -27.04 -29.42 3.58
CA PRO D 159 -28.19 -29.88 2.80
C PRO D 159 -28.08 -29.30 1.39
N VAL D 160 -28.60 -30.03 0.41
CA VAL D 160 -28.58 -29.54 -0.94
C VAL D 160 -29.87 -29.96 -1.60
N CYS D 161 -30.97 -29.62 -0.95
CA CYS D 161 -32.30 -29.96 -1.42
C CYS D 161 -32.93 -28.81 -2.15
N GLU D 162 -32.44 -27.60 -1.87
CA GLU D 162 -32.96 -26.41 -2.51
C GLU D 162 -31.80 -25.47 -2.81
N PRO D 163 -32.06 -24.42 -3.59
CA PRO D 163 -31.06 -23.43 -3.98
C PRO D 163 -30.48 -22.65 -2.82
N TRP D 164 -29.19 -22.36 -2.90
CA TRP D 164 -28.52 -21.54 -1.90
C TRP D 164 -28.38 -20.13 -2.46
N ARG D 165 -28.66 -19.13 -1.64
CA ARG D 165 -28.55 -17.75 -2.07
C ARG D 165 -27.45 -17.03 -1.29
N PRO D 166 -26.58 -16.28 -1.98
CA PRO D 166 -25.52 -15.55 -1.26
C PRO D 166 -26.20 -14.65 -0.25
N PHE D 167 -25.71 -14.65 0.99
CA PHE D 167 -26.30 -13.83 2.07
C PHE D 167 -25.35 -12.71 2.54
N PHE D 168 -25.91 -11.56 2.87
CA PHE D 168 -25.12 -10.43 3.35
C PHE D 168 -25.92 -9.67 4.41
N ALA D 169 -25.22 -9.01 5.32
CA ALA D 169 -25.84 -8.25 6.39
C ALA D 169 -24.85 -7.20 6.81
N HIS D 170 -25.33 -6.04 7.20
CA HIS D 170 -24.44 -4.97 7.62
C HIS D 170 -25.15 -3.89 8.41
N LYS D 171 -24.44 -3.33 9.40
CA LYS D 171 -24.97 -2.24 10.23
C LYS D 171 -23.85 -1.27 10.57
N ARG D 172 -24.08 0.02 10.39
CA ARG D 172 -23.05 1.01 10.66
C ARG D 172 -22.75 1.18 12.14
N GLY D 173 -21.51 1.58 12.44
CA GLY D 173 -21.09 1.76 13.81
C GLY D 173 -21.54 3.08 14.38
N SER D 174 -21.84 4.03 13.51
CA SER D 174 -22.29 5.34 13.94
C SER D 174 -22.79 6.18 12.78
N GLN D 175 -23.34 7.33 13.13
CA GLN D 175 -23.87 8.31 12.19
C GLN D 175 -22.81 8.67 11.15
N ASP D 176 -21.56 8.69 11.60
CA ASP D 176 -20.42 9.05 10.75
C ASP D 176 -19.82 7.88 9.98
N ASP D 177 -20.07 6.65 10.45
CA ASP D 177 -19.54 5.45 9.80
C ASP D 177 -19.70 5.49 8.28
N GLN D 178 -18.60 5.25 7.56
CA GLN D 178 -18.61 5.27 6.11
C GLN D 178 -18.30 3.92 5.47
N SER D 179 -18.19 2.88 6.30
CA SER D 179 -17.90 1.54 5.79
C SER D 179 -19.02 1.00 4.92
N ILE D 180 -18.65 0.10 4.01
CA ILE D 180 -19.62 -0.54 3.14
C ILE D 180 -19.18 -1.96 2.86
N LEU D 181 -20.09 -2.75 2.30
CA LEU D 181 -19.79 -4.11 1.95
C LEU D 181 -19.97 -4.12 0.45
N SER D 182 -19.00 -4.65 -0.27
CA SER D 182 -19.14 -4.69 -1.71
C SER D 182 -18.72 -6.00 -2.30
N ILE D 183 -19.46 -6.43 -3.31
CA ILE D 183 -19.12 -7.69 -3.96
C ILE D 183 -17.90 -7.40 -4.76
N CYS D 184 -16.82 -8.11 -4.46
CA CYS D 184 -15.65 -7.86 -5.26
C CYS D 184 -16.11 -8.17 -6.66
N SER D 185 -15.81 -7.18 -7.48
CA SER D 185 -16.16 -7.02 -8.87
C SER D 185 -15.61 -7.95 -9.98
N VAL D 186 -14.57 -8.75 -9.70
CA VAL D 186 -13.99 -9.71 -10.65
C VAL D 186 -13.79 -9.50 -12.16
N ILE D 187 -12.72 -8.83 -12.62
CA ILE D 187 -12.59 -8.80 -14.08
C ILE D 187 -11.77 -10.09 -14.37
N ASN D 188 -11.63 -10.51 -15.62
CA ASN D 188 -11.06 -11.84 -15.92
C ASN D 188 -9.60 -12.03 -16.55
N PRO D 189 -9.09 -13.29 -16.65
CA PRO D 189 -7.82 -13.89 -17.13
C PRO D 189 -6.98 -14.37 -18.29
N SER D 190 -7.05 -15.69 -18.45
CA SER D 190 -6.09 -16.36 -19.31
C SER D 190 -5.97 -15.82 -20.78
#